data_2QD5
#
_entry.id   2QD5
#
_cell.length_a   86.218
_cell.length_b   92.811
_cell.length_c   109.808
_cell.angle_alpha   90.00
_cell.angle_beta   90.00
_cell.angle_gamma   90.00
#
_symmetry.space_group_name_H-M   'P 21 21 21'
#
loop_
_entity.id
_entity.type
_entity.pdbx_description
1 polymer Ferrochelatase
2 non-polymer 'LEAD (II) ION'
3 non-polymer 'FE2/S2 (INORGANIC) CLUSTER'
4 non-polymer 'CHOLIC ACID'
5 non-polymer 'PROTOPORPHYRIN IX'
6 non-polymer GLYCEROL
7 non-polymer 'ACETIC ACID'
8 non-polymer 'OXYGEN MOLECULE'
9 water water
#
_entity_poly.entity_id   1
_entity_poly.type   'polypeptide(L)'
_entity_poly.pdbx_seq_one_letter_code
;RKPKTGILMLNMGGPETLGDVHDFLLRLFLDRDLMTLPIQNKLAPFIAKRRTPKIQEQYRRIGGGSPIKIWTSKQGEGMV
KLLDELSPNTAPHKYYIGFRYVHPLTEEAIEEMERDGLERAIAFTQYPQYSCSTTGSSLNAIYRYYNQVGRKPTMKWSTI
DRWPTHHLLIQCFADHILKELDHFPLEKRSEVVILFSAHSLPMSVVNRGDPYPQEVSATVQKVMERLEYCNPYRLVWQSK
VGPMPWLGPQTDESIKGLCERGRKNILLVPIAFTSDHIETLYELDIEYSQVLAKECGVENIRRAESLNGNPLFSKALADL
VHSHIQSNELCSKQLTLSCPLCVNPVCRETKSFFTSQQL
;
_entity_poly.pdbx_strand_id   A,B
#
# COMPACT_ATOMS: atom_id res chain seq x y z
N ARG A 1 16.13 -10.62 -40.78
CA ARG A 1 14.88 -10.13 -41.45
C ARG A 1 14.34 -8.83 -40.83
N LYS A 2 13.51 -8.14 -41.60
CA LYS A 2 12.91 -6.87 -41.16
C LYS A 2 12.27 -7.05 -39.79
N PRO A 3 12.31 -6.01 -38.94
CA PRO A 3 11.74 -6.02 -37.59
C PRO A 3 10.20 -6.16 -37.57
N LYS A 4 9.71 -7.22 -36.93
CA LYS A 4 8.28 -7.47 -36.83
C LYS A 4 7.66 -6.80 -35.60
N THR A 5 8.05 -7.26 -34.41
CA THR A 5 7.52 -6.75 -33.14
C THR A 5 8.40 -5.71 -32.44
N GLY A 6 7.91 -4.47 -32.35
CA GLY A 6 8.66 -3.41 -31.70
C GLY A 6 8.28 -3.28 -30.23
N ILE A 7 9.27 -2.94 -29.40
CA ILE A 7 9.01 -2.78 -27.97
C ILE A 7 9.48 -1.45 -27.43
N LEU A 8 8.54 -0.52 -27.31
CA LEU A 8 8.83 0.81 -26.79
C LEU A 8 9.00 0.75 -25.27
N MET A 9 10.19 1.11 -24.80
CA MET A 9 10.50 1.11 -23.37
C MET A 9 10.31 2.52 -22.84
N LEU A 10 9.25 2.72 -22.06
CA LEU A 10 8.94 4.03 -21.54
C LEU A 10 9.55 4.30 -20.18
N ASN A 11 10.06 5.51 -20.04
CA ASN A 11 10.65 5.98 -18.80
C ASN A 11 10.81 7.47 -18.98
N MET A 12 11.04 8.19 -17.90
CA MET A 12 11.20 9.63 -17.96
C MET A 12 12.57 9.93 -18.56
N GLY A 13 13.47 8.96 -18.40
CA GLY A 13 14.83 9.15 -18.88
C GLY A 13 15.55 10.08 -17.92
N GLY A 14 16.78 10.42 -18.25
CA GLY A 14 17.55 11.31 -17.40
C GLY A 14 18.65 12.05 -18.17
N PRO A 15 19.13 13.18 -17.62
CA PRO A 15 20.18 13.97 -18.27
C PRO A 15 21.50 13.22 -18.32
N GLU A 16 21.91 12.85 -19.54
CA GLU A 16 23.14 12.10 -19.79
C GLU A 16 24.40 12.73 -19.18
N THR A 17 24.50 14.06 -19.24
CA THR A 17 25.65 14.76 -18.66
C THR A 17 25.05 15.96 -17.94
N LEU A 18 25.87 16.71 -17.21
CA LEU A 18 25.36 17.88 -16.50
C LEU A 18 24.79 18.89 -17.49
N GLY A 19 25.33 18.87 -18.72
CA GLY A 19 24.87 19.79 -19.74
C GLY A 19 23.43 19.64 -20.17
N ASP A 20 22.88 18.44 -20.04
CA ASP A 20 21.49 18.16 -20.44
C ASP A 20 20.44 18.53 -19.39
N VAL A 21 20.90 18.83 -18.18
CA VAL A 21 20.01 19.17 -17.09
C VAL A 21 18.88 20.12 -17.47
N HIS A 22 19.24 21.27 -18.02
CA HIS A 22 18.26 22.28 -18.40
C HIS A 22 17.15 21.84 -19.36
N ASP A 23 17.53 21.07 -20.38
N ASP A 23 17.49 21.09 -20.40
CA ASP A 23 16.59 20.57 -21.38
CA ASP A 23 16.47 20.64 -21.33
C ASP A 23 15.67 19.52 -20.76
C ASP A 23 15.61 19.55 -20.70
N PHE A 24 16.17 18.87 -19.72
CA PHE A 24 15.45 17.81 -19.00
C PHE A 24 14.38 18.46 -18.13
N LEU A 25 14.82 19.45 -17.33
CA LEU A 25 13.92 20.16 -16.45
C LEU A 25 12.88 20.92 -17.24
N LEU A 26 13.30 21.47 -18.37
CA LEU A 26 12.42 22.22 -19.24
C LEU A 26 11.20 21.41 -19.71
N ARG A 27 11.46 20.26 -20.32
CA ARG A 27 10.38 19.41 -20.80
C ARG A 27 9.55 18.87 -19.64
N LEU A 28 10.19 18.68 -18.49
CA LEU A 28 9.49 18.16 -17.31
C LEU A 28 8.46 19.16 -16.80
N PHE A 29 8.88 20.40 -16.57
CA PHE A 29 7.95 21.42 -16.07
C PHE A 29 6.95 21.89 -17.11
N LEU A 30 7.06 21.36 -18.33
CA LEU A 30 6.13 21.71 -19.40
C LEU A 30 5.09 20.61 -19.53
N ASP A 31 5.31 19.51 -18.81
CA ASP A 31 4.43 18.35 -18.84
C ASP A 31 3.10 18.57 -18.12
N ARG A 32 2.05 18.87 -18.89
CA ARG A 32 0.74 19.09 -18.31
C ARG A 32 0.11 17.79 -17.81
N ASP A 33 0.79 16.68 -18.06
CA ASP A 33 0.32 15.37 -17.61
C ASP A 33 0.93 15.07 -16.24
N LEU A 34 2.01 15.78 -15.94
CA LEU A 34 2.69 15.63 -14.66
C LEU A 34 2.22 16.71 -13.71
N MET A 35 1.92 17.88 -14.26
CA MET A 35 1.48 19.01 -13.46
C MET A 35 0.85 20.13 -14.28
N THR A 36 0.32 21.13 -13.58
CA THR A 36 -0.32 22.28 -14.23
C THR A 36 -0.09 23.54 -13.42
N LEU A 37 0.46 24.56 -14.07
CA LEU A 37 0.74 25.84 -13.44
C LEU A 37 -0.09 26.92 -14.14
N PRO A 38 -0.18 28.12 -13.54
CA PRO A 38 -0.97 29.22 -14.15
C PRO A 38 -0.49 29.43 -15.59
N ILE A 39 0.32 30.47 -15.83
CA ILE A 39 0.86 30.65 -17.17
C ILE A 39 1.80 29.45 -17.15
N GLN A 40 1.78 28.61 -18.19
CA GLN A 40 2.64 27.43 -18.18
C GLN A 40 3.85 27.50 -19.10
N ASN A 41 3.60 27.86 -20.35
CA ASN A 41 4.67 27.95 -21.33
C ASN A 41 5.65 29.09 -21.01
N LYS A 42 5.30 29.92 -20.02
CA LYS A 42 6.14 31.05 -19.65
C LYS A 42 7.00 30.84 -18.40
N LEU A 43 6.39 30.39 -17.31
CA LEU A 43 7.14 30.17 -16.07
C LEU A 43 7.88 28.84 -16.06
N ALA A 44 7.45 27.92 -16.92
CA ALA A 44 8.11 26.61 -17.01
C ALA A 44 9.56 26.82 -17.40
N PRO A 45 9.81 27.61 -18.46
CA PRO A 45 11.18 27.86 -18.91
C PRO A 45 12.01 28.50 -17.80
N PHE A 46 11.36 29.33 -16.99
CA PHE A 46 12.03 29.98 -15.88
C PHE A 46 12.38 28.99 -14.78
N ILE A 47 11.35 28.38 -14.20
CA ILE A 47 11.54 27.40 -13.13
C ILE A 47 12.68 26.45 -13.45
N ALA A 48 12.76 26.04 -14.71
CA ALA A 48 13.83 25.14 -15.14
C ALA A 48 15.15 25.87 -14.87
N LYS A 49 15.42 26.89 -15.67
CA LYS A 49 16.64 27.69 -15.54
C LYS A 49 16.93 28.02 -14.08
N ARG A 50 15.89 28.43 -13.35
CA ARG A 50 16.06 28.80 -11.95
C ARG A 50 16.72 27.73 -11.09
N ARG A 51 16.05 26.60 -10.90
CA ARG A 51 16.61 25.55 -10.06
C ARG A 51 17.51 24.53 -10.79
N THR A 52 17.86 24.85 -12.03
CA THR A 52 18.74 23.99 -12.83
C THR A 52 20.11 23.80 -12.16
N PRO A 53 20.59 24.82 -11.42
CA PRO A 53 21.89 24.73 -10.73
C PRO A 53 21.96 23.66 -9.64
N LYS A 54 20.99 23.69 -8.73
CA LYS A 54 20.98 22.71 -7.64
C LYS A 54 20.78 21.29 -8.14
N ILE A 55 20.06 21.12 -9.25
CA ILE A 55 19.86 19.78 -9.79
C ILE A 55 21.15 19.30 -10.44
N GLN A 56 21.92 20.24 -10.99
CA GLN A 56 23.18 19.90 -11.60
C GLN A 56 24.13 19.43 -10.52
N GLU A 57 24.07 20.08 -9.36
CA GLU A 57 24.93 19.72 -8.25
C GLU A 57 24.57 18.30 -7.83
N GLN A 58 23.27 18.05 -7.68
CA GLN A 58 22.76 16.72 -7.28
C GLN A 58 23.29 15.63 -8.20
N TYR A 59 23.18 15.82 -9.50
CA TYR A 59 23.67 14.83 -10.45
C TYR A 59 25.18 14.70 -10.41
N ARG A 60 25.85 15.80 -10.04
CA ARG A 60 27.30 15.78 -9.96
C ARG A 60 27.66 14.88 -8.78
N ARG A 61 26.82 14.91 -7.73
CA ARG A 61 27.06 14.11 -6.53
C ARG A 61 26.97 12.59 -6.78
N ILE A 62 26.45 12.19 -7.93
CA ILE A 62 26.33 10.76 -8.24
C ILE A 62 27.03 10.28 -9.50
N GLY A 63 28.01 11.05 -9.98
CA GLY A 63 28.73 10.65 -11.18
C GLY A 63 28.66 11.62 -12.34
N GLY A 64 27.90 12.70 -12.18
CA GLY A 64 27.80 13.69 -13.24
C GLY A 64 26.63 13.54 -14.19
N GLY A 65 25.67 12.67 -13.84
CA GLY A 65 24.52 12.48 -14.68
C GLY A 65 23.77 11.17 -14.47
N SER A 66 22.77 10.94 -15.32
CA SER A 66 21.96 9.74 -15.25
C SER A 66 22.46 8.69 -16.23
N PRO A 67 22.58 7.43 -15.78
CA PRO A 67 23.05 6.35 -16.66
C PRO A 67 21.89 5.52 -17.20
N ILE A 68 20.68 6.05 -17.07
CA ILE A 68 19.50 5.33 -17.53
C ILE A 68 19.55 4.94 -19.01
N LYS A 69 20.00 5.84 -19.87
CA LYS A 69 20.05 5.52 -21.29
C LYS A 69 20.92 4.29 -21.58
N ILE A 70 22.08 4.21 -20.94
CA ILE A 70 22.99 3.08 -21.13
C ILE A 70 22.37 1.81 -20.59
N TRP A 71 21.94 1.88 -19.33
CA TRP A 71 21.32 0.75 -18.66
C TRP A 71 20.10 0.24 -19.41
N THR A 72 19.23 1.15 -19.81
CA THR A 72 18.01 0.76 -20.52
C THR A 72 18.32 0.00 -21.80
N SER A 73 19.39 0.40 -22.50
CA SER A 73 19.78 -0.27 -23.72
C SER A 73 20.26 -1.69 -23.42
N LYS A 74 21.16 -1.83 -22.44
N LYS A 74 21.14 -1.82 -22.42
CA LYS A 74 21.65 -3.16 -22.08
CA LYS A 74 21.67 -3.12 -22.04
C LYS A 74 20.48 -4.09 -21.82
C LYS A 74 20.51 -4.08 -21.80
N GLN A 75 19.56 -3.66 -20.97
CA GLN A 75 18.41 -4.46 -20.65
C GLN A 75 17.58 -4.69 -21.92
N GLY A 76 17.44 -3.67 -22.74
CA GLY A 76 16.68 -3.80 -23.98
C GLY A 76 17.29 -4.87 -24.87
N GLU A 77 18.61 -4.81 -25.03
CA GLU A 77 19.32 -5.76 -25.86
C GLU A 77 19.20 -7.16 -25.28
N GLY A 78 19.26 -7.26 -23.95
CA GLY A 78 19.16 -8.55 -23.31
C GLY A 78 17.75 -9.12 -23.37
N MET A 79 16.77 -8.22 -23.45
CA MET A 79 15.37 -8.62 -23.54
C MET A 79 15.09 -9.18 -24.93
N VAL A 80 15.47 -8.41 -25.96
CA VAL A 80 15.27 -8.81 -27.35
C VAL A 80 15.89 -10.19 -27.62
N LYS A 81 17.11 -10.39 -27.12
CA LYS A 81 17.81 -11.64 -27.30
C LYS A 81 16.92 -12.82 -26.93
N LEU A 82 16.34 -12.75 -25.73
CA LEU A 82 15.50 -13.82 -25.24
C LEU A 82 14.13 -13.90 -25.91
N LEU A 83 13.64 -12.77 -26.41
CA LEU A 83 12.34 -12.77 -27.06
C LEU A 83 12.35 -13.57 -28.35
N ASP A 84 13.44 -13.47 -29.09
CA ASP A 84 13.57 -14.20 -30.34
C ASP A 84 13.50 -15.70 -30.10
N GLU A 85 14.13 -16.15 -29.02
CA GLU A 85 14.12 -17.57 -28.70
C GLU A 85 12.83 -17.98 -27.99
N LEU A 86 12.19 -17.03 -27.31
CA LEU A 86 10.96 -17.31 -26.57
C LEU A 86 9.72 -17.37 -27.45
N SER A 87 9.60 -16.39 -28.35
CA SER A 87 8.46 -16.31 -29.25
C SER A 87 8.91 -15.99 -30.68
N PRO A 88 9.34 -17.02 -31.42
CA PRO A 88 9.79 -16.82 -32.81
C PRO A 88 8.69 -16.29 -33.75
N ASN A 89 7.44 -16.65 -33.47
CA ASN A 89 6.32 -16.20 -34.29
C ASN A 89 6.19 -14.69 -34.37
N THR A 90 6.76 -13.99 -33.38
CA THR A 90 6.67 -12.53 -33.36
C THR A 90 8.02 -11.85 -33.60
N ALA A 91 9.03 -12.66 -33.89
CA ALA A 91 10.39 -12.16 -34.17
C ALA A 91 10.47 -11.73 -35.63
N PRO A 92 11.42 -10.84 -35.96
CA PRO A 92 12.41 -10.24 -35.06
C PRO A 92 11.86 -9.15 -34.16
N HIS A 93 12.25 -9.19 -32.89
CA HIS A 93 11.80 -8.18 -31.95
C HIS A 93 12.86 -7.10 -31.91
N LYS A 94 12.44 -5.87 -31.70
CA LYS A 94 13.34 -4.73 -31.64
C LYS A 94 12.86 -3.77 -30.55
N TYR A 95 13.77 -3.36 -29.70
CA TYR A 95 13.41 -2.47 -28.60
C TYR A 95 13.70 -1.03 -28.98
N TYR A 96 12.85 -0.12 -28.53
CA TYR A 96 13.04 1.30 -28.78
C TYR A 96 12.99 2.01 -27.44
N ILE A 97 13.77 3.06 -27.29
CA ILE A 97 13.80 3.81 -26.05
C ILE A 97 12.94 5.05 -26.15
N GLY A 98 11.86 5.07 -25.37
CA GLY A 98 10.97 6.22 -25.38
C GLY A 98 11.06 6.99 -24.06
N PHE A 99 11.97 7.95 -24.01
CA PHE A 99 12.16 8.76 -22.82
C PHE A 99 11.23 9.97 -22.92
N ARG A 100 10.69 10.37 -21.78
CA ARG A 100 9.74 11.47 -21.74
C ARG A 100 10.35 12.86 -21.79
N TYR A 101 11.50 13.03 -21.14
CA TYR A 101 12.13 14.34 -21.07
C TYR A 101 13.49 14.50 -21.71
N VAL A 102 13.98 13.46 -22.38
CA VAL A 102 15.28 13.56 -23.06
C VAL A 102 15.33 12.64 -24.27
N HIS A 103 16.25 12.94 -25.18
CA HIS A 103 16.44 12.15 -26.40
C HIS A 103 16.97 10.77 -26.02
N PRO A 104 16.43 9.72 -26.63
CA PRO A 104 15.39 9.79 -27.65
C PRO A 104 13.99 9.96 -27.05
N LEU A 105 13.33 11.05 -27.43
CA LEU A 105 11.99 11.36 -26.97
C LEU A 105 10.98 10.30 -27.39
N THR A 106 9.89 10.19 -26.65
CA THR A 106 8.83 9.23 -26.94
C THR A 106 8.39 9.34 -28.39
N GLU A 107 8.06 10.56 -28.79
CA GLU A 107 7.61 10.86 -30.14
C GLU A 107 8.68 10.46 -31.16
N GLU A 108 9.94 10.61 -30.79
CA GLU A 108 11.05 10.24 -31.68
C GLU A 108 11.04 8.74 -31.93
N ALA A 109 10.81 7.97 -30.87
CA ALA A 109 10.82 6.52 -31.00
C ALA A 109 9.60 6.02 -31.75
N ILE A 110 8.48 6.73 -31.63
CA ILE A 110 7.26 6.33 -32.31
C ILE A 110 7.47 6.49 -33.81
N GLU A 111 7.92 7.68 -34.21
CA GLU A 111 8.18 8.00 -35.61
C GLU A 111 9.09 6.98 -36.29
N GLU A 112 10.04 6.42 -35.54
CA GLU A 112 10.94 5.42 -36.13
C GLU A 112 10.24 4.08 -36.19
N MET A 113 9.41 3.78 -35.19
CA MET A 113 8.69 2.51 -35.17
C MET A 113 7.79 2.46 -36.40
N GLU A 114 7.25 3.61 -36.75
CA GLU A 114 6.40 3.74 -37.93
C GLU A 114 7.27 3.49 -39.17
N ARG A 115 8.23 4.37 -39.38
CA ARG A 115 9.15 4.28 -40.52
C ARG A 115 9.69 2.87 -40.73
N ASP A 116 9.84 2.11 -39.64
CA ASP A 116 10.36 0.75 -39.74
C ASP A 116 9.29 -0.26 -40.15
N GLY A 117 8.05 0.21 -40.24
CA GLY A 117 6.96 -0.67 -40.63
C GLY A 117 6.84 -1.91 -39.78
N LEU A 118 6.48 -1.71 -38.52
CA LEU A 118 6.30 -2.82 -37.58
C LEU A 118 4.88 -3.35 -37.71
N GLU A 119 4.67 -4.58 -37.29
CA GLU A 119 3.34 -5.19 -37.33
C GLU A 119 2.63 -5.04 -35.98
N ARG A 120 3.41 -5.11 -34.90
CA ARG A 120 2.90 -5.02 -33.54
C ARG A 120 3.79 -4.16 -32.65
N ALA A 121 3.25 -3.08 -32.10
CA ALA A 121 4.00 -2.17 -31.22
C ALA A 121 3.53 -2.31 -29.76
N ILE A 122 4.47 -2.51 -28.85
CA ILE A 122 4.14 -2.68 -27.43
C ILE A 122 4.67 -1.58 -26.52
N ALA A 123 3.78 -0.75 -25.98
CA ALA A 123 4.19 0.32 -25.07
C ALA A 123 4.47 -0.39 -23.74
N PHE A 124 5.75 -0.57 -23.43
CA PHE A 124 6.17 -1.30 -22.23
C PHE A 124 6.73 -0.33 -21.21
N THR A 125 5.95 -0.03 -20.17
CA THR A 125 6.42 0.91 -19.15
C THR A 125 7.55 0.31 -18.33
N GLN A 126 8.54 1.15 -18.00
CA GLN A 126 9.67 0.71 -17.20
C GLN A 126 9.47 1.03 -15.72
N TYR A 127 8.27 1.50 -15.37
CA TYR A 127 7.93 1.76 -13.96
C TYR A 127 7.05 0.58 -13.60
N PRO A 128 7.49 -0.26 -12.66
CA PRO A 128 6.68 -1.42 -12.27
C PRO A 128 5.33 -0.99 -11.67
N GLN A 129 5.36 0.09 -10.90
CA GLN A 129 4.14 0.56 -10.27
C GLN A 129 3.56 1.72 -11.04
N TYR A 130 2.26 1.66 -11.27
CA TYR A 130 1.55 2.68 -12.04
C TYR A 130 1.24 3.97 -11.28
N SER A 131 1.64 5.08 -11.88
CA SER A 131 1.31 6.39 -11.34
C SER A 131 0.79 7.16 -12.57
N CYS A 132 -0.11 8.10 -12.34
CA CYS A 132 -0.61 8.88 -13.47
C CYS A 132 0.44 9.88 -13.92
N SER A 133 1.45 10.11 -13.08
CA SER A 133 2.50 11.05 -13.42
C SER A 133 3.69 10.41 -14.14
N THR A 134 3.78 9.09 -14.13
CA THR A 134 4.89 8.42 -14.80
C THR A 134 4.37 7.63 -16.00
N THR A 135 3.86 6.43 -15.77
CA THR A 135 3.33 5.63 -16.86
C THR A 135 2.18 6.37 -17.59
N GLY A 136 1.36 7.08 -16.83
CA GLY A 136 0.24 7.79 -17.42
C GLY A 136 0.68 8.81 -18.44
N SER A 137 1.72 9.57 -18.09
CA SER A 137 2.27 10.59 -18.97
C SER A 137 2.94 9.98 -20.20
N SER A 138 3.71 8.91 -19.99
CA SER A 138 4.35 8.25 -21.12
C SER A 138 3.29 7.70 -22.04
N LEU A 139 2.20 7.20 -21.45
CA LEU A 139 1.11 6.69 -22.27
C LEU A 139 0.32 7.82 -22.92
N ASN A 140 0.15 8.93 -22.21
CA ASN A 140 -0.58 10.05 -22.80
C ASN A 140 0.28 10.66 -23.92
N ALA A 141 1.59 10.48 -23.82
CA ALA A 141 2.51 11.01 -24.83
C ALA A 141 2.24 10.31 -26.16
N ILE A 142 2.16 8.99 -26.13
CA ILE A 142 1.89 8.25 -27.35
C ILE A 142 0.59 8.75 -27.95
N TYR A 143 -0.42 8.90 -27.10
CA TYR A 143 -1.72 9.37 -27.56
C TYR A 143 -1.57 10.76 -28.19
N ARG A 144 -1.08 11.71 -27.39
CA ARG A 144 -0.89 13.07 -27.87
C ARG A 144 -0.12 13.11 -29.19
N TYR A 145 0.83 12.19 -29.36
CA TYR A 145 1.62 12.16 -30.57
C TYR A 145 0.73 12.08 -31.80
N TYR A 146 -0.04 11.00 -31.91
CA TYR A 146 -0.92 10.81 -33.07
C TYR A 146 -1.97 11.90 -33.18
N ASN A 147 -2.40 12.44 -32.05
CA ASN A 147 -3.39 13.51 -32.06
C ASN A 147 -2.75 14.76 -32.64
N GLN A 148 -1.42 14.83 -32.54
CA GLN A 148 -0.66 15.96 -33.06
C GLN A 148 -0.47 15.80 -34.57
N VAL A 149 0.33 14.81 -34.94
CA VAL A 149 0.58 14.53 -36.35
C VAL A 149 -0.77 14.53 -37.07
N GLY A 150 -1.82 14.29 -36.30
CA GLY A 150 -3.17 14.27 -36.85
C GLY A 150 -3.50 12.90 -37.40
N ARG A 151 -2.47 12.14 -37.76
CA ARG A 151 -2.66 10.82 -38.31
C ARG A 151 -2.85 9.71 -37.29
N LYS A 152 -3.25 8.54 -37.81
CA LYS A 152 -3.50 7.38 -36.97
C LYS A 152 -2.41 6.33 -37.16
N PRO A 153 -2.23 5.46 -36.16
CA PRO A 153 -1.22 4.39 -36.18
C PRO A 153 -1.20 3.58 -37.47
N THR A 154 -0.03 3.01 -37.77
CA THR A 154 0.16 2.19 -38.95
C THR A 154 0.56 0.80 -38.49
N MET A 155 0.46 0.57 -37.19
CA MET A 155 0.80 -0.73 -36.57
C MET A 155 -0.10 -0.91 -35.36
N LYS A 156 -0.26 -2.16 -34.92
CA LYS A 156 -1.12 -2.47 -33.77
C LYS A 156 -0.45 -2.19 -32.42
N TRP A 157 -1.05 -1.29 -31.64
CA TRP A 157 -0.55 -0.95 -30.32
C TRP A 157 -1.20 -1.77 -29.22
N SER A 158 -0.44 -2.04 -28.17
CA SER A 158 -0.92 -2.79 -27.01
C SER A 158 -0.03 -2.27 -25.88
N THR A 159 -0.30 -2.65 -24.65
CA THR A 159 0.54 -2.14 -23.58
C THR A 159 0.63 -2.97 -22.33
N ILE A 160 1.82 -2.91 -21.73
CA ILE A 160 2.12 -3.57 -20.46
C ILE A 160 2.27 -2.29 -19.63
N ASP A 161 1.17 -1.89 -18.99
CA ASP A 161 1.14 -0.66 -18.22
C ASP A 161 1.56 -0.76 -16.76
N ARG A 162 1.78 -1.98 -16.27
CA ARG A 162 2.20 -2.16 -14.90
C ARG A 162 2.54 -3.62 -14.61
N TRP A 163 3.39 -3.84 -13.61
CA TRP A 163 3.85 -5.17 -13.19
C TRP A 163 4.52 -5.04 -11.81
N PRO A 164 3.78 -4.55 -10.81
CA PRO A 164 4.34 -4.37 -9.47
C PRO A 164 4.74 -5.63 -8.70
N THR A 165 4.14 -6.77 -9.04
CA THR A 165 4.50 -8.00 -8.34
C THR A 165 5.00 -9.13 -9.26
N HIS A 166 5.58 -8.79 -10.40
CA HIS A 166 6.08 -9.85 -11.30
C HIS A 166 7.11 -10.67 -10.54
N HIS A 167 6.90 -11.97 -10.45
CA HIS A 167 7.80 -12.84 -9.70
C HIS A 167 9.29 -12.68 -9.91
N LEU A 168 9.73 -12.32 -11.11
CA LEU A 168 11.17 -12.14 -11.34
C LEU A 168 11.66 -10.78 -10.87
N LEU A 169 10.77 -9.79 -10.91
CA LEU A 169 11.12 -8.46 -10.42
C LEU A 169 11.35 -8.65 -8.92
N ILE A 170 10.43 -9.38 -8.30
CA ILE A 170 10.52 -9.67 -6.87
C ILE A 170 11.78 -10.46 -6.51
N GLN A 171 12.14 -11.43 -7.34
CA GLN A 171 13.33 -12.21 -7.05
C GLN A 171 14.58 -11.33 -7.13
N CYS A 172 14.58 -10.37 -8.04
CA CYS A 172 15.71 -9.46 -8.19
C CYS A 172 15.89 -8.59 -6.95
N PHE A 173 14.78 -8.08 -6.42
CA PHE A 173 14.85 -7.24 -5.23
C PHE A 173 15.32 -8.06 -4.05
N ALA A 174 14.81 -9.29 -3.95
CA ALA A 174 15.19 -10.18 -2.88
C ALA A 174 16.69 -10.49 -2.95
N ASP A 175 17.18 -10.74 -4.16
CA ASP A 175 18.60 -11.04 -4.33
C ASP A 175 19.49 -9.87 -3.92
N HIS A 176 19.17 -8.67 -4.43
CA HIS A 176 19.95 -7.49 -4.10
C HIS A 176 19.93 -7.11 -2.62
N ILE A 177 18.81 -7.38 -1.96
CA ILE A 177 18.71 -7.04 -0.54
C ILE A 177 19.65 -7.96 0.24
N LEU A 178 19.59 -9.26 -0.03
CA LEU A 178 20.44 -10.21 0.65
C LEU A 178 21.92 -9.83 0.44
N LYS A 179 22.25 -9.40 -0.76
CA LYS A 179 23.63 -9.01 -1.08
C LYS A 179 24.15 -7.87 -0.22
N GLU A 180 23.32 -6.85 0.01
CA GLU A 180 23.76 -5.73 0.84
C GLU A 180 23.82 -6.17 2.30
N LEU A 181 22.79 -6.87 2.76
CA LEU A 181 22.76 -7.34 4.14
C LEU A 181 24.12 -7.94 4.52
N ASP A 182 24.71 -8.69 3.59
CA ASP A 182 26.01 -9.32 3.81
C ASP A 182 27.14 -8.31 3.98
N HIS A 183 26.86 -7.06 3.62
CA HIS A 183 27.87 -6.00 3.74
C HIS A 183 27.77 -5.33 5.11
N PHE A 184 26.87 -5.85 5.95
CA PHE A 184 26.70 -5.34 7.31
C PHE A 184 27.44 -6.32 8.22
N PRO A 185 27.97 -5.84 9.35
CA PRO A 185 28.69 -6.71 10.28
C PRO A 185 27.86 -7.95 10.61
N LEU A 186 28.51 -9.11 10.56
CA LEU A 186 27.85 -10.40 10.79
C LEU A 186 26.88 -10.44 11.96
N GLU A 187 27.20 -9.74 13.05
CA GLU A 187 26.34 -9.73 14.22
C GLU A 187 25.27 -8.64 14.21
N LYS A 188 25.28 -7.83 13.17
CA LYS A 188 24.30 -6.75 13.05
C LYS A 188 23.23 -7.10 12.03
N ARG A 189 23.55 -8.02 11.13
CA ARG A 189 22.63 -8.47 10.08
C ARG A 189 21.17 -8.58 10.53
N SER A 190 20.94 -9.30 11.62
CA SER A 190 19.59 -9.50 12.15
C SER A 190 18.84 -8.26 12.61
N GLU A 191 19.54 -7.25 13.11
CA GLU A 191 18.83 -6.06 13.57
C GLU A 191 18.81 -4.93 12.53
N VAL A 192 19.15 -5.25 11.29
CA VAL A 192 19.14 -4.27 10.22
C VAL A 192 17.70 -3.95 9.82
N VAL A 193 17.42 -2.66 9.69
CA VAL A 193 16.11 -2.18 9.30
C VAL A 193 16.09 -1.94 7.80
N ILE A 194 15.17 -2.59 7.11
CA ILE A 194 15.06 -2.39 5.67
C ILE A 194 14.09 -1.25 5.42
N LEU A 195 14.59 -0.17 4.86
CA LEU A 195 13.73 0.96 4.53
C LEU A 195 13.50 0.98 3.03
N PHE A 196 12.32 0.52 2.61
CA PHE A 196 11.99 0.58 1.18
C PHE A 196 11.68 2.05 0.95
N SER A 197 12.43 2.64 0.03
CA SER A 197 12.30 4.05 -0.29
C SER A 197 11.81 4.22 -1.72
N ALA A 198 10.66 4.86 -1.84
CA ALA A 198 10.05 5.10 -3.13
C ALA A 198 9.82 6.60 -3.24
N HIS A 199 9.78 7.11 -4.47
CA HIS A 199 9.56 8.53 -4.66
C HIS A 199 8.14 8.88 -4.23
N SER A 200 8.02 9.97 -3.47
CA SER A 200 6.74 10.44 -2.94
C SER A 200 5.86 11.08 -4.01
N LEU A 201 4.61 11.35 -3.62
CA LEU A 201 3.62 11.97 -4.48
C LEU A 201 2.92 13.06 -3.68
N PRO A 202 2.52 14.16 -4.32
CA PRO A 202 1.84 15.20 -3.55
C PRO A 202 0.48 14.66 -3.12
N MET A 203 0.07 14.95 -1.89
CA MET A 203 -1.20 14.44 -1.40
C MET A 203 -2.38 14.75 -2.28
N SER A 204 -2.35 15.85 -3.01
CA SER A 204 -3.45 16.17 -3.89
C SER A 204 -3.54 15.12 -4.99
N VAL A 205 -2.41 14.49 -5.31
CA VAL A 205 -2.44 13.45 -6.34
C VAL A 205 -2.94 12.17 -5.69
N VAL A 206 -2.45 11.89 -4.49
CA VAL A 206 -2.86 10.70 -3.76
C VAL A 206 -4.38 10.76 -3.49
N ASN A 207 -4.86 11.93 -3.13
CA ASN A 207 -6.29 12.08 -2.83
C ASN A 207 -7.21 12.08 -4.05
N ARG A 208 -6.67 12.10 -5.26
CA ARG A 208 -7.56 12.03 -6.40
C ARG A 208 -7.68 10.58 -6.85
N GLY A 209 -6.89 9.70 -6.20
CA GLY A 209 -6.96 8.28 -6.50
C GLY A 209 -5.79 7.60 -7.22
N ASP A 210 -4.61 8.20 -7.21
CA ASP A 210 -3.48 7.58 -7.90
C ASP A 210 -3.20 6.17 -7.35
N PRO A 211 -3.15 5.16 -8.22
CA PRO A 211 -2.88 3.79 -7.78
C PRO A 211 -1.46 3.50 -7.30
N TYR A 212 -0.54 4.41 -7.57
CA TYR A 212 0.87 4.22 -7.21
C TYR A 212 1.18 3.71 -5.79
N PRO A 213 0.75 4.43 -4.75
CA PRO A 213 1.04 3.98 -3.37
C PRO A 213 0.65 2.53 -3.05
N GLN A 214 -0.54 2.12 -3.50
CA GLN A 214 -1.04 0.78 -3.24
C GLN A 214 -0.22 -0.25 -4.00
N GLU A 215 0.25 0.13 -5.19
CA GLU A 215 1.04 -0.81 -5.97
C GLU A 215 2.42 -0.95 -5.36
N VAL A 216 3.06 0.17 -5.02
CA VAL A 216 4.39 0.09 -4.40
C VAL A 216 4.28 -0.77 -3.14
N SER A 217 3.23 -0.56 -2.35
CA SER A 217 3.02 -1.32 -1.13
C SER A 217 2.95 -2.81 -1.46
N ALA A 218 2.34 -3.15 -2.58
CA ALA A 218 2.24 -4.54 -3.02
C ALA A 218 3.64 -5.08 -3.34
N THR A 219 4.45 -4.33 -4.11
CA THR A 219 5.79 -4.78 -4.44
C THR A 219 6.55 -5.07 -3.16
N VAL A 220 6.48 -4.14 -2.19
CA VAL A 220 7.16 -4.31 -0.90
C VAL A 220 6.76 -5.61 -0.18
N GLN A 221 5.48 -5.94 -0.20
CA GLN A 221 5.03 -7.15 0.48
C GLN A 221 5.55 -8.43 -0.17
N LYS A 222 5.56 -8.44 -1.50
CA LYS A 222 6.05 -9.60 -2.23
C LYS A 222 7.52 -9.84 -1.87
N VAL A 223 8.28 -8.77 -1.83
CA VAL A 223 9.69 -8.85 -1.51
C VAL A 223 9.93 -9.43 -0.15
N MET A 224 9.30 -8.85 0.88
CA MET A 224 9.48 -9.35 2.24
C MET A 224 9.00 -10.80 2.41
N GLU A 225 7.93 -11.15 1.70
CA GLU A 225 7.35 -12.50 1.73
C GLU A 225 8.41 -13.47 1.23
N ARG A 226 9.08 -13.07 0.16
CA ARG A 226 10.13 -13.84 -0.48
C ARG A 226 11.35 -13.99 0.44
N LEU A 227 11.65 -12.96 1.20
CA LEU A 227 12.78 -12.96 2.12
C LEU A 227 12.35 -13.54 3.45
N GLU A 228 11.11 -14.01 3.53
CA GLU A 228 10.60 -14.61 4.76
C GLU A 228 10.66 -13.69 6.00
N TYR A 229 10.49 -12.39 5.79
CA TYR A 229 10.50 -11.42 6.88
C TYR A 229 11.73 -11.56 7.76
N CYS A 230 12.88 -11.82 7.13
CA CYS A 230 14.14 -11.98 7.86
C CYS A 230 14.48 -10.75 8.68
N ASN A 231 14.01 -9.59 8.26
CA ASN A 231 14.29 -8.36 9.00
C ASN A 231 13.06 -7.45 9.13
N PRO A 232 13.12 -6.47 10.05
CA PRO A 232 11.97 -5.58 10.20
C PRO A 232 12.02 -4.67 8.98
N TYR A 233 10.90 -4.10 8.58
CA TYR A 233 10.92 -3.23 7.41
C TYR A 233 9.90 -2.10 7.47
N ARG A 234 10.10 -1.11 6.60
CA ARG A 234 9.19 0.03 6.52
C ARG A 234 9.21 0.60 5.12
N LEU A 235 8.06 1.07 4.66
CA LEU A 235 7.98 1.70 3.36
C LEU A 235 7.91 3.20 3.63
N VAL A 236 8.90 3.93 3.14
CA VAL A 236 8.99 5.38 3.31
C VAL A 236 9.06 6.06 1.94
N TRP A 237 8.76 7.35 1.89
CA TRP A 237 8.76 8.07 0.62
C TRP A 237 9.84 9.15 0.60
N GLN A 238 10.76 9.00 -0.35
CA GLN A 238 11.90 9.89 -0.47
C GLN A 238 11.76 11.10 -1.35
N SER A 239 12.73 12.00 -1.15
CA SER A 239 12.87 13.26 -1.85
C SER A 239 11.81 14.30 -1.48
N LYS A 240 10.67 14.30 -2.18
CA LYS A 240 9.59 15.24 -1.90
C LYS A 240 10.07 16.68 -2.17
N VAL A 241 9.42 17.36 -3.11
CA VAL A 241 9.80 18.72 -3.47
C VAL A 241 8.71 19.78 -3.29
N GLY A 242 9.06 20.91 -2.70
CA GLY A 242 8.10 21.99 -2.50
C GLY A 242 7.66 22.18 -1.06
N PRO A 243 6.76 23.14 -0.80
CA PRO A 243 6.26 23.42 0.56
C PRO A 243 4.95 22.72 0.86
N MET A 244 4.24 22.31 -0.19
N MET A 244 4.25 22.30 -0.20
CA MET A 244 2.96 21.64 -0.01
CA MET A 244 2.97 21.62 -0.07
C MET A 244 3.14 20.26 0.60
C MET A 244 3.13 20.22 0.53
N PRO A 245 2.05 19.66 1.11
CA PRO A 245 2.08 18.32 1.72
C PRO A 245 2.27 17.17 0.74
N TRP A 246 3.21 16.28 1.08
CA TRP A 246 3.49 15.10 0.28
C TRP A 246 3.24 13.87 1.17
N LEU A 247 3.09 12.69 0.55
CA LEU A 247 2.80 11.44 1.26
C LEU A 247 3.79 10.82 2.25
N GLY A 248 3.20 9.98 3.11
CA GLY A 248 3.86 9.17 4.13
C GLY A 248 5.13 9.69 4.72
N PRO A 249 5.74 8.93 5.63
CA PRO A 249 6.97 9.38 6.26
C PRO A 249 8.03 9.67 5.22
N GLN A 250 8.66 10.84 5.34
CA GLN A 250 9.71 11.24 4.42
C GLN A 250 10.90 10.33 4.71
N THR A 251 11.66 9.98 3.68
CA THR A 251 12.81 9.10 3.92
C THR A 251 13.84 9.74 4.85
N ASP A 252 14.05 11.05 4.71
CA ASP A 252 15.02 11.75 5.56
C ASP A 252 14.68 11.64 7.04
N GLU A 253 13.53 12.24 7.41
CA GLU A 253 13.10 12.25 8.81
C GLU A 253 12.86 10.87 9.38
N SER A 254 12.74 9.85 8.52
CA SER A 254 12.53 8.49 9.00
C SER A 254 13.88 7.91 9.42
N ILE A 255 14.91 8.25 8.67
CA ILE A 255 16.26 7.78 8.99
C ILE A 255 16.70 8.40 10.32
N LYS A 256 16.57 9.72 10.43
CA LYS A 256 16.95 10.42 11.65
C LYS A 256 16.06 9.86 12.76
N GLY A 257 14.76 9.82 12.48
CA GLY A 257 13.81 9.30 13.44
C GLY A 257 14.19 7.94 13.95
N LEU A 258 14.70 7.08 13.08
CA LEU A 258 15.09 5.73 13.46
C LEU A 258 16.34 5.67 14.29
N CYS A 259 17.27 6.59 14.06
CA CYS A 259 18.52 6.59 14.82
C CYS A 259 18.33 7.16 16.22
N GLU A 260 17.44 8.14 16.36
CA GLU A 260 17.16 8.74 17.66
C GLU A 260 16.44 7.69 18.52
N ARG A 261 16.17 6.53 17.94
CA ARG A 261 15.44 5.49 18.65
C ARG A 261 16.14 4.14 18.73
N GLY A 262 17.46 4.13 18.55
CA GLY A 262 18.20 2.89 18.65
C GLY A 262 18.54 2.06 17.42
N ARG A 263 17.85 2.28 16.30
CA ARG A 263 18.14 1.50 15.09
C ARG A 263 19.26 2.18 14.32
N LYS A 264 20.47 1.64 14.43
CA LYS A 264 21.65 2.22 13.81
C LYS A 264 22.11 1.59 12.49
N ASN A 265 21.56 0.44 12.14
CA ASN A 265 21.94 -0.23 10.90
C ASN A 265 20.76 -0.20 9.92
N ILE A 266 20.81 0.73 8.97
CA ILE A 266 19.74 0.92 8.01
C ILE A 266 20.10 0.52 6.57
N LEU A 267 19.18 -0.18 5.91
CA LEU A 267 19.38 -0.63 4.54
C LEU A 267 18.31 -0.04 3.61
N LEU A 268 18.67 1.00 2.88
CA LEU A 268 17.72 1.61 1.96
C LEU A 268 17.56 0.73 0.72
N VAL A 269 16.35 0.72 0.17
CA VAL A 269 16.04 -0.08 -1.00
C VAL A 269 15.22 0.71 -2.02
N PRO A 270 15.78 0.93 -3.23
CA PRO A 270 15.05 1.68 -4.27
C PRO A 270 14.04 0.71 -4.87
N ILE A 271 12.84 0.73 -4.31
CA ILE A 271 11.79 -0.19 -4.74
C ILE A 271 10.88 0.26 -5.88
N ALA A 272 10.99 1.52 -6.31
CA ALA A 272 10.10 2.02 -7.35
C ALA A 272 10.75 2.70 -8.55
N PHE A 273 12.07 2.64 -8.64
CA PHE A 273 12.78 3.18 -9.78
C PHE A 273 14.01 2.30 -9.94
N THR A 274 14.00 1.52 -11.01
CA THR A 274 15.02 0.54 -11.35
C THR A 274 16.44 0.99 -11.73
N SER A 275 16.66 2.30 -11.87
CA SER A 275 17.99 2.80 -12.22
C SER A 275 18.49 3.73 -11.15
N ASP A 276 19.81 3.91 -11.10
CA ASP A 276 20.42 4.80 -10.12
C ASP A 276 19.84 6.19 -10.28
N HIS A 277 19.73 6.92 -9.17
CA HIS A 277 19.19 8.27 -9.18
C HIS A 277 19.65 9.10 -7.98
N ILE A 278 19.14 10.34 -7.87
CA ILE A 278 19.50 11.25 -6.79
C ILE A 278 19.14 10.71 -5.40
N GLU A 279 20.17 10.59 -4.55
CA GLU A 279 20.01 10.04 -3.22
C GLU A 279 19.43 11.02 -2.19
N THR A 280 19.25 10.53 -0.96
CA THR A 280 18.67 11.33 0.11
C THR A 280 19.66 12.19 0.89
N LEU A 281 19.12 13.16 1.63
CA LEU A 281 19.90 14.09 2.42
C LEU A 281 20.98 13.47 3.32
N TYR A 282 20.66 12.35 3.96
CA TYR A 282 21.62 11.72 4.85
C TYR A 282 22.67 10.89 4.13
N GLU A 283 22.51 10.71 2.82
CA GLU A 283 23.47 9.96 2.03
C GLU A 283 24.43 10.93 1.33
N LEU A 284 23.90 12.08 0.90
CA LEU A 284 24.70 13.06 0.19
C LEU A 284 25.37 14.10 1.09
N ASP A 285 24.59 14.81 1.90
CA ASP A 285 25.10 15.83 2.79
C ASP A 285 25.85 15.20 3.97
N ILE A 286 27.07 15.66 4.23
CA ILE A 286 27.89 15.12 5.32
C ILE A 286 27.67 15.71 6.71
N GLU A 287 27.53 17.04 6.80
CA GLU A 287 27.32 17.65 8.11
C GLU A 287 26.06 17.12 8.77
N TYR A 288 25.01 16.92 7.97
CA TYR A 288 23.75 16.39 8.50
C TYR A 288 23.94 14.95 8.98
N SER A 289 24.87 14.24 8.35
CA SER A 289 25.15 12.85 8.74
C SER A 289 26.12 12.88 9.92
N GLN A 290 26.93 13.92 9.98
CA GLN A 290 27.89 14.08 11.08
C GLN A 290 27.08 14.22 12.37
N VAL A 291 26.04 15.03 12.31
CA VAL A 291 25.17 15.26 13.45
C VAL A 291 24.40 14.00 13.82
N LEU A 292 23.97 13.27 12.80
CA LEU A 292 23.22 12.04 12.99
C LEU A 292 24.04 10.99 13.73
N ALA A 293 25.37 11.04 13.58
CA ALA A 293 26.24 10.08 14.23
C ALA A 293 26.66 10.53 15.64
N LYS A 294 26.83 11.84 15.82
CA LYS A 294 27.23 12.40 17.10
C LYS A 294 26.05 12.45 18.08
N GLU A 295 24.84 12.43 17.54
CA GLU A 295 23.64 12.48 18.37
C GLU A 295 22.85 11.17 18.47
N CYS A 296 23.07 10.26 17.52
CA CYS A 296 22.34 9.00 17.54
C CYS A 296 23.24 7.77 17.47
N GLY A 297 24.47 7.97 17.00
CA GLY A 297 25.40 6.86 16.89
C GLY A 297 25.14 5.98 15.69
N VAL A 298 24.72 6.59 14.58
CA VAL A 298 24.44 5.84 13.36
C VAL A 298 25.71 5.19 12.86
N GLU A 299 25.71 3.87 12.75
CA GLU A 299 26.90 3.15 12.30
C GLU A 299 26.88 2.66 10.85
N ASN A 300 25.69 2.43 10.29
CA ASN A 300 25.59 1.94 8.91
C ASN A 300 24.33 2.32 8.13
N ILE A 301 24.53 3.01 7.02
CA ILE A 301 23.44 3.40 6.13
C ILE A 301 23.86 2.96 4.73
N ARG A 302 23.38 1.78 4.33
CA ARG A 302 23.71 1.23 3.01
C ARG A 302 22.55 1.31 2.02
N ARG A 303 22.89 1.26 0.74
CA ARG A 303 21.92 1.32 -0.33
C ARG A 303 22.04 0.08 -1.21
N ALA A 304 20.94 -0.65 -1.39
CA ALA A 304 20.96 -1.83 -2.25
C ALA A 304 21.17 -1.32 -3.67
N GLU A 305 21.96 -2.07 -4.45
N GLU A 305 21.98 -2.05 -4.45
CA GLU A 305 22.25 -1.71 -5.83
CA GLU A 305 22.25 -1.64 -5.82
C GLU A 305 20.98 -1.71 -6.67
C GLU A 305 20.99 -1.72 -6.68
N SER A 306 20.89 -0.80 -7.63
CA SER A 306 19.74 -0.74 -8.52
C SER A 306 19.71 -1.99 -9.40
N LEU A 307 18.54 -2.33 -9.93
CA LEU A 307 18.43 -3.51 -10.78
C LEU A 307 19.35 -3.42 -12.01
N ASN A 308 19.92 -2.23 -12.20
CA ASN A 308 20.85 -1.90 -13.29
C ASN A 308 20.97 -2.91 -14.42
N GLY A 309 22.04 -3.72 -14.37
CA GLY A 309 22.26 -4.71 -15.41
C GLY A 309 22.15 -6.16 -15.01
N ASN A 310 21.45 -6.44 -13.91
CA ASN A 310 21.29 -7.82 -13.48
C ASN A 310 20.65 -8.67 -14.58
N PRO A 311 21.33 -9.74 -15.00
CA PRO A 311 20.84 -10.65 -16.05
C PRO A 311 19.44 -11.22 -15.78
N LEU A 312 19.07 -11.28 -14.51
CA LEU A 312 17.77 -11.82 -14.14
C LEU A 312 16.68 -10.76 -14.36
N PHE A 313 17.10 -9.52 -14.57
CA PHE A 313 16.14 -8.46 -14.82
C PHE A 313 15.69 -8.54 -16.27
N SER A 314 16.65 -8.72 -17.18
CA SER A 314 16.34 -8.86 -18.60
C SER A 314 15.34 -10.00 -18.75
N LYS A 315 15.62 -11.10 -18.06
CA LYS A 315 14.75 -12.27 -18.10
C LYS A 315 13.35 -11.85 -17.63
N ALA A 316 13.30 -10.95 -16.65
CA ALA A 316 12.03 -10.46 -16.12
C ALA A 316 11.33 -9.67 -17.21
N LEU A 317 12.08 -8.83 -17.90
CA LEU A 317 11.51 -8.04 -18.98
C LEU A 317 10.95 -8.94 -20.08
N ALA A 318 11.75 -9.90 -20.54
CA ALA A 318 11.34 -10.80 -21.60
C ALA A 318 10.12 -11.62 -21.22
N ASP A 319 10.06 -12.07 -19.98
CA ASP A 319 8.94 -12.87 -19.53
C ASP A 319 7.62 -12.09 -19.61
N LEU A 320 7.67 -10.82 -19.21
CA LEU A 320 6.50 -9.95 -19.22
C LEU A 320 6.01 -9.73 -20.63
N VAL A 321 6.93 -9.46 -21.54
CA VAL A 321 6.55 -9.27 -22.93
C VAL A 321 5.91 -10.56 -23.47
N HIS A 322 6.55 -11.69 -23.20
CA HIS A 322 6.07 -12.99 -23.65
C HIS A 322 4.65 -13.32 -23.17
N SER A 323 4.41 -13.18 -21.87
CA SER A 323 3.08 -13.45 -21.32
C SER A 323 2.09 -12.50 -21.98
N HIS A 324 2.50 -11.24 -22.12
CA HIS A 324 1.67 -10.22 -22.75
C HIS A 324 1.19 -10.68 -24.12
N ILE A 325 2.14 -11.08 -24.97
CA ILE A 325 1.81 -11.55 -26.31
C ILE A 325 0.90 -12.76 -26.23
N GLN A 326 1.26 -13.72 -25.38
CA GLN A 326 0.45 -14.91 -25.18
C GLN A 326 -0.99 -14.54 -24.83
N SER A 327 -1.15 -13.81 -23.73
CA SER A 327 -2.45 -13.39 -23.20
C SER A 327 -3.36 -12.66 -24.18
N ASN A 328 -2.77 -11.95 -25.13
CA ASN A 328 -3.53 -11.19 -26.12
C ASN A 328 -4.20 -9.93 -25.59
N GLU A 329 -3.84 -9.54 -24.36
CA GLU A 329 -4.37 -8.35 -23.73
C GLU A 329 -3.86 -7.10 -24.42
N LEU A 330 -4.62 -6.01 -24.36
CA LEU A 330 -4.19 -4.76 -24.95
C LEU A 330 -3.69 -3.84 -23.84
N CYS A 331 -4.14 -4.10 -22.61
CA CYS A 331 -3.76 -3.34 -21.43
C CYS A 331 -4.36 -4.01 -20.19
N SER A 332 -3.85 -3.68 -19.03
CA SER A 332 -4.35 -4.26 -17.79
C SER A 332 -5.81 -3.81 -17.58
N LYS A 333 -6.53 -4.55 -16.74
CA LYS A 333 -7.91 -4.21 -16.43
C LYS A 333 -7.93 -2.88 -15.65
N GLN A 334 -6.82 -2.57 -14.97
CA GLN A 334 -6.72 -1.33 -14.19
C GLN A 334 -6.65 -0.08 -15.04
N LEU A 335 -6.19 -0.19 -16.28
CA LEU A 335 -6.09 1.00 -17.11
C LEU A 335 -7.46 1.43 -17.60
N THR A 336 -8.38 0.48 -17.70
CA THR A 336 -9.73 0.78 -18.17
C THR A 336 -10.45 1.62 -17.11
N LEU A 337 -9.76 1.98 -16.04
CA LEU A 337 -10.35 2.78 -14.98
C LEU A 337 -9.50 3.97 -14.56
N SER A 338 -10.06 5.16 -14.71
CA SER A 338 -9.35 6.39 -14.36
C SER A 338 -9.55 6.75 -12.89
N CYS A 339 -8.73 7.67 -12.40
CA CYS A 339 -8.81 8.10 -11.01
C CYS A 339 -10.23 8.50 -10.65
N PRO A 340 -10.68 8.14 -9.43
CA PRO A 340 -12.05 8.52 -9.07
C PRO A 340 -12.25 10.04 -9.20
N LEU A 341 -11.18 10.80 -8.94
CA LEU A 341 -11.23 12.26 -9.02
C LEU A 341 -10.34 12.82 -10.13
N CYS A 342 -10.26 12.08 -11.24
CA CYS A 342 -9.44 12.49 -12.37
C CYS A 342 -9.95 13.76 -13.07
N VAL A 343 -9.05 14.74 -13.22
CA VAL A 343 -9.39 16.01 -13.87
C VAL A 343 -8.41 16.28 -15.02
N ASN A 344 -8.30 15.32 -15.93
CA ASN A 344 -7.44 15.43 -17.09
C ASN A 344 -8.21 14.77 -18.23
N PRO A 345 -8.74 15.58 -19.16
CA PRO A 345 -9.51 15.09 -20.31
C PRO A 345 -8.76 14.05 -21.13
N VAL A 346 -7.45 14.22 -21.24
CA VAL A 346 -6.59 13.31 -22.02
C VAL A 346 -6.65 11.86 -21.53
N CYS A 347 -6.61 11.67 -20.21
CA CYS A 347 -6.65 10.35 -19.59
C CYS A 347 -7.62 9.37 -20.26
N ARG A 348 -8.90 9.75 -20.31
CA ARG A 348 -9.93 8.89 -20.91
C ARG A 348 -9.64 8.59 -22.38
N GLU A 349 -9.07 9.56 -23.08
CA GLU A 349 -8.74 9.38 -24.50
C GLU A 349 -7.62 8.35 -24.71
N THR A 350 -6.72 8.27 -23.75
CA THR A 350 -5.62 7.31 -23.81
C THR A 350 -6.18 5.90 -23.54
N LYS A 351 -7.14 5.82 -22.62
CA LYS A 351 -7.79 4.54 -22.30
C LYS A 351 -8.35 3.97 -23.62
N SER A 352 -9.21 4.75 -24.28
CA SER A 352 -9.82 4.34 -25.54
C SER A 352 -8.80 3.85 -26.56
N PHE A 353 -7.74 4.64 -26.74
CA PHE A 353 -6.69 4.30 -27.68
C PHE A 353 -6.21 2.84 -27.60
N PHE A 354 -5.74 2.43 -26.42
CA PHE A 354 -5.26 1.06 -26.24
C PHE A 354 -6.33 -0.03 -26.25
N THR A 355 -7.47 0.21 -25.59
CA THR A 355 -8.56 -0.76 -25.56
C THR A 355 -9.25 -0.87 -26.93
N SER A 356 -9.06 0.14 -27.78
CA SER A 356 -9.67 0.16 -29.11
C SER A 356 -8.76 -0.31 -30.24
N GLN A 357 -7.52 -0.69 -29.91
CA GLN A 357 -6.55 -1.16 -30.91
C GLN A 357 -7.01 -2.43 -31.62
N GLN A 358 -6.62 -2.57 -32.89
CA GLN A 358 -6.99 -3.73 -33.69
C GLN A 358 -6.42 -5.03 -33.09
N LEU A 359 -7.30 -6.02 -32.93
CA LEU A 359 -6.94 -7.32 -32.36
C LEU A 359 -6.71 -7.28 -30.84
N ARG B 1 -11.68 -30.95 30.60
CA ARG B 1 -10.81 -30.61 31.77
C ARG B 1 -10.45 -29.12 31.87
N LYS B 2 -9.38 -28.84 32.62
CA LYS B 2 -8.90 -27.47 32.82
C LYS B 2 -8.36 -26.92 31.49
N PRO B 3 -8.58 -25.62 31.23
CA PRO B 3 -8.11 -24.99 29.99
C PRO B 3 -6.59 -24.75 30.00
N LYS B 4 -5.90 -25.37 29.04
CA LYS B 4 -4.46 -25.24 28.92
C LYS B 4 -4.03 -23.98 28.18
N THR B 5 -4.52 -23.83 26.94
CA THR B 5 -4.18 -22.68 26.11
C THR B 5 -5.29 -21.62 25.96
N GLY B 6 -5.01 -20.42 26.45
CA GLY B 6 -5.97 -19.33 26.36
C GLY B 6 -5.74 -18.49 25.12
N ILE B 7 -6.81 -17.92 24.57
CA ILE B 7 -6.71 -17.10 23.35
C ILE B 7 -7.50 -15.82 23.45
N LEU B 8 -6.81 -14.72 23.67
CA LEU B 8 -7.44 -13.42 23.79
C LEU B 8 -7.65 -12.79 22.42
N MET B 9 -8.91 -12.61 22.05
CA MET B 9 -9.26 -12.01 20.77
C MET B 9 -9.42 -10.50 21.01
N LEU B 10 -8.48 -9.74 20.45
CA LEU B 10 -8.46 -8.30 20.63
C LEU B 10 -9.23 -7.55 19.54
N ASN B 11 -9.96 -6.52 19.95
CA ASN B 11 -10.71 -5.69 19.03
C ASN B 11 -11.20 -4.47 19.80
N MET B 12 -11.60 -3.42 19.10
CA MET B 12 -12.08 -2.21 19.77
C MET B 12 -13.44 -2.48 20.41
N GLY B 13 -14.14 -3.48 19.87
CA GLY B 13 -15.46 -3.80 20.39
C GLY B 13 -16.49 -2.80 19.87
N GLY B 14 -17.74 -2.98 20.28
CA GLY B 14 -18.79 -2.08 19.84
C GLY B 14 -19.98 -2.07 20.79
N PRO B 15 -20.71 -0.93 20.86
CA PRO B 15 -21.88 -0.84 21.75
C PRO B 15 -22.97 -1.78 21.25
N GLU B 16 -23.35 -2.75 22.08
N GLU B 16 -23.35 -2.73 22.11
CA GLU B 16 -24.37 -3.71 21.66
CA GLU B 16 -24.36 -3.73 21.79
C GLU B 16 -25.73 -3.06 21.41
C GLU B 16 -25.74 -3.13 21.52
N THR B 17 -26.03 -2.00 22.16
CA THR B 17 -27.30 -1.31 21.98
C THR B 17 -27.01 0.18 21.95
N LEU B 18 -28.00 0.97 21.53
CA LEU B 18 -27.82 2.41 21.47
C LEU B 18 -27.45 2.97 22.83
N GLY B 19 -27.88 2.27 23.88
CA GLY B 19 -27.59 2.71 25.24
C GLY B 19 -26.12 2.68 25.62
N ASP B 20 -25.36 1.78 25.00
CA ASP B 20 -23.92 1.65 25.28
C ASP B 20 -23.03 2.64 24.55
N VAL B 21 -23.60 3.40 23.62
CA VAL B 21 -22.82 4.35 22.85
C VAL B 21 -21.98 5.30 23.68
N HIS B 22 -22.55 5.86 24.73
CA HIS B 22 -21.81 6.80 25.57
C HIS B 22 -20.56 6.27 26.25
N ASP B 23 -20.65 5.15 26.95
CA ASP B 23 -19.45 4.64 27.58
C ASP B 23 -18.43 4.16 26.55
N PHE B 24 -18.91 3.91 25.33
CA PHE B 24 -18.04 3.46 24.24
C PHE B 24 -17.13 4.62 23.84
N LEU B 25 -17.76 5.75 23.50
CA LEU B 25 -17.03 6.94 23.10
C LEU B 25 -16.13 7.40 24.24
N LEU B 26 -16.67 7.36 25.46
CA LEU B 26 -15.93 7.76 26.64
C LEU B 26 -14.55 7.12 26.70
N ARG B 27 -14.53 5.79 26.79
CA ARG B 27 -13.29 5.05 26.86
C ARG B 27 -12.43 5.29 25.62
N LEU B 28 -13.08 5.43 24.47
CA LEU B 28 -12.36 5.67 23.23
C LEU B 28 -11.61 7.00 23.25
N PHE B 29 -12.30 8.11 23.52
CA PHE B 29 -11.64 9.41 23.55
C PHE B 29 -10.68 9.55 24.71
N LEU B 30 -10.73 8.60 25.66
CA LEU B 30 -9.83 8.61 26.81
C LEU B 30 -8.55 7.82 26.49
N ASP B 31 -8.55 7.14 25.35
CA ASP B 31 -7.40 6.32 24.93
C ASP B 31 -6.25 7.17 24.42
N ARG B 32 -5.24 7.35 25.27
CA ARG B 32 -4.08 8.16 24.91
C ARG B 32 -3.23 7.49 23.84
N ASP B 33 -3.41 6.18 23.67
CA ASP B 33 -2.68 5.43 22.66
C ASP B 33 -3.33 5.62 21.30
N LEU B 34 -4.56 6.11 21.29
CA LEU B 34 -5.28 6.37 20.06
C LEU B 34 -5.15 7.82 19.63
N MET B 35 -5.15 8.71 20.62
CA MET B 35 -5.03 10.15 20.37
C MET B 35 -4.61 10.86 21.65
N THR B 36 -3.98 12.02 21.50
CA THR B 36 -3.56 12.81 22.66
C THR B 36 -4.16 14.21 22.59
N LEU B 37 -4.93 14.54 23.62
CA LEU B 37 -5.57 15.84 23.74
C LEU B 37 -5.07 16.51 25.01
N PRO B 38 -5.11 17.85 25.04
CA PRO B 38 -4.66 18.58 26.23
C PRO B 38 -5.75 18.36 27.29
N ILE B 39 -5.37 18.21 28.55
CA ILE B 39 -6.34 17.95 29.60
C ILE B 39 -7.37 16.95 29.08
N GLN B 40 -6.87 15.79 28.64
CA GLN B 40 -7.71 14.75 28.07
C GLN B 40 -8.75 14.15 29.00
N ASN B 41 -8.36 13.92 30.25
CA ASN B 41 -9.29 13.36 31.24
C ASN B 41 -10.48 14.29 31.47
N LYS B 42 -10.37 15.54 31.00
CA LYS B 42 -11.43 16.52 31.16
C LYS B 42 -12.17 16.76 29.85
N LEU B 43 -11.50 16.46 28.72
CA LEU B 43 -12.10 16.64 27.40
C LEU B 43 -12.85 15.42 26.90
N ALA B 44 -12.30 14.23 27.15
CA ALA B 44 -12.93 13.00 26.71
C ALA B 44 -14.39 12.93 27.14
N PRO B 45 -14.66 13.11 28.44
CA PRO B 45 -16.04 13.06 28.96
C PRO B 45 -16.99 13.98 28.22
N PHE B 46 -16.49 15.18 27.90
CA PHE B 46 -17.27 16.19 27.20
C PHE B 46 -17.54 15.80 25.75
N ILE B 47 -16.48 15.46 25.02
CA ILE B 47 -16.62 15.07 23.62
C ILE B 47 -17.57 13.89 23.48
N ALA B 48 -17.51 12.96 24.43
CA ALA B 48 -18.38 11.80 24.40
C ALA B 48 -19.85 12.24 24.31
N LYS B 49 -20.30 13.02 25.29
CA LYS B 49 -21.67 13.50 25.30
C LYS B 49 -21.97 14.32 24.05
N ARG B 50 -21.04 15.19 23.70
CA ARG B 50 -21.19 16.05 22.53
C ARG B 50 -21.27 15.29 21.20
N ARG B 51 -20.96 13.99 21.21
CA ARG B 51 -21.02 13.22 19.97
C ARG B 51 -21.97 12.03 19.99
N THR B 52 -22.30 11.56 21.19
CA THR B 52 -23.19 10.41 21.36
C THR B 52 -24.47 10.40 20.52
N PRO B 53 -25.14 11.55 20.38
CA PRO B 53 -26.37 11.60 19.58
C PRO B 53 -26.12 11.17 18.14
N LYS B 54 -25.14 11.82 17.51
CA LYS B 54 -24.75 11.57 16.14
C LYS B 54 -24.44 10.07 15.92
N ILE B 55 -23.72 9.48 16.86
CA ILE B 55 -23.35 8.07 16.76
C ILE B 55 -24.52 7.12 17.02
N GLN B 56 -25.41 7.49 17.93
CA GLN B 56 -26.57 6.64 18.20
C GLN B 56 -27.38 6.57 16.91
N GLU B 57 -27.50 7.71 16.26
CA GLU B 57 -28.24 7.80 15.02
C GLU B 57 -27.61 6.87 13.99
N GLN B 58 -26.28 6.92 13.91
CA GLN B 58 -25.56 6.08 12.95
C GLN B 58 -25.74 4.60 13.24
N TYR B 59 -25.61 4.20 14.49
CA TYR B 59 -25.82 2.79 14.81
C TYR B 59 -27.27 2.37 14.57
N ARG B 60 -28.20 3.31 14.76
CA ARG B 60 -29.61 3.01 14.52
C ARG B 60 -29.78 2.71 13.04
N ARG B 61 -29.17 3.55 12.20
CA ARG B 61 -29.26 3.37 10.75
C ARG B 61 -28.80 2.00 10.27
N ILE B 62 -28.11 1.23 11.11
CA ILE B 62 -27.63 -0.09 10.69
C ILE B 62 -28.13 -1.25 11.57
N GLY B 63 -29.27 -1.06 12.23
CA GLY B 63 -29.80 -2.13 13.05
C GLY B 63 -29.93 -1.81 14.53
N GLY B 64 -29.45 -0.65 14.96
CA GLY B 64 -29.56 -0.29 16.36
C GLY B 64 -28.34 -0.49 17.24
N GLY B 65 -27.28 -1.08 16.67
CA GLY B 65 -26.07 -1.32 17.43
C GLY B 65 -25.01 -2.13 16.70
N SER B 66 -23.98 -2.55 17.43
CA SER B 66 -22.90 -3.34 16.86
C SER B 66 -23.01 -4.81 17.24
N PRO B 67 -22.89 -5.73 16.25
CA PRO B 67 -22.99 -7.18 16.50
C PRO B 67 -21.62 -7.88 16.67
N ILE B 68 -20.58 -7.10 16.94
CA ILE B 68 -19.24 -7.67 17.07
C ILE B 68 -19.09 -8.68 18.20
N LYS B 69 -19.72 -8.41 19.35
CA LYS B 69 -19.62 -9.32 20.47
C LYS B 69 -20.11 -10.73 20.12
N ILE B 70 -21.30 -10.80 19.55
CA ILE B 70 -21.89 -12.08 19.18
C ILE B 70 -21.09 -12.79 18.10
N TRP B 71 -20.75 -12.05 17.04
CA TRP B 71 -19.97 -12.57 15.93
C TRP B 71 -18.60 -13.07 16.38
N THR B 72 -17.93 -12.31 17.26
CA THR B 72 -16.62 -12.71 17.74
C THR B 72 -16.72 -14.00 18.55
N SER B 73 -17.82 -14.15 19.28
CA SER B 73 -18.07 -15.34 20.07
C SER B 73 -18.21 -16.55 19.14
N LYS B 74 -19.10 -16.43 18.16
CA LYS B 74 -19.31 -17.52 17.22
C LYS B 74 -18.00 -17.91 16.58
N GLN B 75 -17.21 -16.93 16.14
CA GLN B 75 -15.93 -17.24 15.53
C GLN B 75 -15.01 -17.82 16.61
N GLY B 76 -15.14 -17.31 17.84
CA GLY B 76 -14.33 -17.82 18.93
C GLY B 76 -14.60 -19.29 19.18
N GLU B 77 -15.87 -19.61 19.41
CA GLU B 77 -16.29 -20.99 19.64
C GLU B 77 -15.84 -21.88 18.47
N GLY B 78 -16.03 -21.39 17.26
CA GLY B 78 -15.62 -22.15 16.09
C GLY B 78 -14.12 -22.26 15.94
N MET B 79 -13.38 -21.34 16.55
CA MET B 79 -11.92 -21.37 16.47
C MET B 79 -11.42 -22.44 17.44
N VAL B 80 -11.90 -22.39 18.68
CA VAL B 80 -11.54 -23.33 19.72
C VAL B 80 -11.71 -24.78 19.26
N LYS B 81 -12.92 -25.12 18.81
CA LYS B 81 -13.20 -26.48 18.36
C LYS B 81 -12.16 -27.01 17.40
N LEU B 82 -11.80 -26.21 16.39
CA LEU B 82 -10.79 -26.63 15.42
C LEU B 82 -9.38 -26.70 16.02
N LEU B 83 -9.16 -26.04 17.15
CA LEU B 83 -7.85 -26.04 17.78
C LEU B 83 -7.59 -27.30 18.60
N ASP B 84 -8.66 -27.87 19.15
CA ASP B 84 -8.50 -29.06 19.96
C ASP B 84 -8.15 -30.25 19.07
N GLU B 85 -8.54 -30.19 17.81
CA GLU B 85 -8.22 -31.26 16.87
C GLU B 85 -6.88 -30.99 16.21
N LEU B 86 -6.56 -29.72 15.99
CA LEU B 86 -5.30 -29.34 15.35
C LEU B 86 -4.10 -29.37 16.28
N SER B 87 -4.26 -28.87 17.49
CA SER B 87 -3.17 -28.83 18.46
C SER B 87 -3.48 -29.60 19.74
N PRO B 88 -3.55 -30.93 19.66
CA PRO B 88 -3.83 -31.77 20.84
C PRO B 88 -2.90 -31.49 22.02
N ASN B 89 -1.64 -31.16 21.71
CA ASN B 89 -0.64 -30.89 22.74
C ASN B 89 -0.84 -29.61 23.54
N THR B 90 -1.58 -28.65 22.99
CA THR B 90 -1.83 -27.42 23.73
C THR B 90 -3.27 -27.36 24.21
N ALA B 91 -4.07 -28.31 23.75
CA ALA B 91 -5.47 -28.41 24.14
C ALA B 91 -5.62 -28.87 25.59
N PRO B 92 -6.74 -28.53 26.23
CA PRO B 92 -7.86 -27.77 25.67
C PRO B 92 -7.58 -26.27 25.52
N HIS B 93 -8.21 -25.64 24.53
CA HIS B 93 -8.05 -24.21 24.28
C HIS B 93 -9.29 -23.43 24.70
N LYS B 94 -9.10 -22.18 25.12
CA LYS B 94 -10.22 -21.33 25.53
C LYS B 94 -10.06 -19.90 25.02
N TYR B 95 -11.06 -19.43 24.27
CA TYR B 95 -11.00 -18.08 23.73
C TYR B 95 -11.57 -17.07 24.72
N TYR B 96 -11.00 -15.88 24.75
CA TYR B 96 -11.47 -14.81 25.63
C TYR B 96 -11.64 -13.57 24.77
N ILE B 97 -12.61 -12.73 25.11
CA ILE B 97 -12.86 -11.54 24.35
C ILE B 97 -12.32 -10.31 25.04
N GLY B 98 -11.33 -9.69 24.41
CA GLY B 98 -10.75 -8.48 24.97
C GLY B 98 -11.06 -7.27 24.11
N PHE B 99 -12.15 -6.59 24.43
CA PHE B 99 -12.53 -5.40 23.68
C PHE B 99 -11.92 -4.20 24.37
N ARG B 100 -11.49 -3.23 23.58
CA ARG B 100 -10.83 -2.05 24.12
C ARG B 100 -11.75 -1.03 24.81
N TYR B 101 -12.91 -0.76 24.21
CA TYR B 101 -13.81 0.25 24.76
C TYR B 101 -15.18 -0.21 25.29
N VAL B 102 -15.41 -1.52 25.34
CA VAL B 102 -16.68 -2.04 25.87
C VAL B 102 -16.46 -3.37 26.58
N HIS B 103 -17.35 -3.72 27.49
CA HIS B 103 -17.25 -4.99 28.21
C HIS B 103 -17.55 -6.10 27.21
N PRO B 104 -16.81 -7.23 27.26
CA PRO B 104 -15.73 -7.53 28.20
C PRO B 104 -14.49 -6.71 27.83
N LEU B 105 -13.99 -5.92 28.77
CA LEU B 105 -12.82 -5.09 28.57
C LEU B 105 -11.54 -5.93 28.57
N THR B 106 -10.52 -5.44 27.88
CA THR B 106 -9.23 -6.12 27.78
C THR B 106 -8.72 -6.57 29.15
N GLU B 107 -8.71 -5.63 30.08
CA GLU B 107 -8.24 -5.87 31.43
C GLU B 107 -9.10 -6.94 32.13
N GLU B 108 -10.40 -6.93 31.87
CA GLU B 108 -11.29 -7.92 32.48
C GLU B 108 -10.96 -9.32 31.98
N ALA B 109 -10.66 -9.44 30.70
CA ALA B 109 -10.34 -10.75 30.13
C ALA B 109 -8.99 -11.27 30.61
N ILE B 110 -8.03 -10.36 30.79
CA ILE B 110 -6.70 -10.75 31.25
C ILE B 110 -6.86 -11.27 32.67
N GLU B 111 -7.51 -10.46 33.51
CA GLU B 111 -7.75 -10.80 34.91
C GLU B 111 -8.45 -12.15 35.09
N GLU B 112 -9.15 -12.62 34.05
CA GLU B 112 -9.83 -13.90 34.14
C GLU B 112 -8.97 -15.03 33.60
N MET B 113 -8.08 -14.69 32.66
CA MET B 113 -7.20 -15.70 32.06
C MET B 113 -6.27 -16.28 33.11
N GLU B 114 -5.85 -15.45 34.05
CA GLU B 114 -4.98 -15.92 35.10
C GLU B 114 -5.76 -16.81 36.07
N ARG B 115 -6.90 -16.30 36.55
CA ARG B 115 -7.75 -17.04 37.47
C ARG B 115 -8.04 -18.46 37.01
N ASP B 116 -7.94 -18.71 35.71
CA ASP B 116 -8.21 -20.04 35.17
C ASP B 116 -6.91 -20.86 35.10
N GLY B 117 -5.82 -20.24 35.54
CA GLY B 117 -4.53 -20.90 35.53
C GLY B 117 -4.05 -21.43 34.19
N LEU B 118 -3.96 -20.55 33.19
CA LEU B 118 -3.51 -20.95 31.86
C LEU B 118 -1.99 -21.08 31.85
N GLU B 119 -1.48 -21.99 31.02
CA GLU B 119 -0.04 -22.19 30.89
C GLU B 119 0.51 -21.29 29.77
N ARG B 120 -0.34 -21.02 28.79
CA ARG B 120 0.02 -20.21 27.63
C ARG B 120 -1.13 -19.30 27.21
N ALA B 121 -0.87 -18.00 27.11
CA ALA B 121 -1.89 -17.02 26.72
C ALA B 121 -1.43 -16.29 25.45
N ILE B 122 -2.28 -16.30 24.42
CA ILE B 122 -1.99 -15.70 23.12
C ILE B 122 -2.80 -14.45 22.79
N ALA B 123 -2.16 -13.29 22.70
CA ALA B 123 -2.87 -12.04 22.35
C ALA B 123 -3.02 -12.06 20.82
N PHE B 124 -4.23 -12.37 20.37
CA PHE B 124 -4.56 -12.53 18.95
C PHE B 124 -5.39 -11.35 18.46
N THR B 125 -4.75 -10.41 17.77
CA THR B 125 -5.49 -9.25 17.28
C THR B 125 -6.50 -9.65 16.21
N GLN B 126 -7.67 -9.02 16.23
CA GLN B 126 -8.69 -9.32 15.24
C GLN B 126 -8.64 -8.38 14.04
N TYR B 127 -7.65 -7.49 14.03
CA TYR B 127 -7.45 -6.57 12.90
C TYR B 127 -6.33 -7.24 12.09
N PRO B 128 -6.61 -7.66 10.86
CA PRO B 128 -5.54 -8.30 10.07
C PRO B 128 -4.36 -7.37 9.81
N GLN B 129 -4.68 -6.09 9.56
CA GLN B 129 -3.66 -5.09 9.27
C GLN B 129 -3.31 -4.34 10.55
N TYR B 130 -2.03 -4.17 10.79
CA TYR B 130 -1.54 -3.49 11.98
C TYR B 130 -1.50 -1.99 11.92
N SER B 131 -2.08 -1.36 12.93
CA SER B 131 -2.00 0.09 13.07
C SER B 131 -1.67 0.29 14.56
N CYS B 132 -1.01 1.39 14.90
CA CYS B 132 -0.69 1.63 16.30
C CYS B 132 -1.95 2.07 17.06
N SER B 133 -2.95 2.53 16.31
CA SER B 133 -4.21 2.95 16.92
C SER B 133 -5.18 1.80 17.23
N THR B 134 -5.00 0.65 16.56
CA THR B 134 -5.89 -0.48 16.80
C THR B 134 -5.14 -1.57 17.54
N THR B 135 -4.38 -2.39 16.80
CA THR B 135 -3.62 -3.45 17.43
C THR B 135 -2.66 -2.89 18.48
N GLY B 136 -2.01 -1.77 18.17
CA GLY B 136 -1.06 -1.20 19.11
C GLY B 136 -1.71 -0.88 20.44
N SER B 137 -2.88 -0.23 20.40
CA SER B 137 -3.60 0.13 21.62
C SER B 137 -4.01 -1.13 22.37
N SER B 138 -4.53 -2.13 21.66
CA SER B 138 -4.93 -3.38 22.30
C SER B 138 -3.75 -4.02 22.99
N LEU B 139 -2.58 -3.96 22.35
CA LEU B 139 -1.38 -4.54 22.94
C LEU B 139 -0.81 -3.69 24.08
N ASN B 140 -0.84 -2.37 23.93
CA ASN B 140 -0.31 -1.51 24.98
C ASN B 140 -1.22 -1.64 26.21
N ALA B 141 -2.46 -2.07 25.98
CA ALA B 141 -3.43 -2.23 27.07
C ALA B 141 -3.07 -3.41 27.94
N ILE B 142 -2.53 -4.46 27.33
CA ILE B 142 -2.14 -5.65 28.08
C ILE B 142 -0.93 -5.33 28.95
N TYR B 143 0.00 -4.57 28.38
CA TYR B 143 1.19 -4.18 29.11
C TYR B 143 0.78 -3.21 30.23
N ARG B 144 -0.02 -2.20 29.88
CA ARG B 144 -0.46 -1.23 30.87
C ARG B 144 -1.18 -1.90 32.04
N TYR B 145 -1.78 -3.06 31.79
CA TYR B 145 -2.50 -3.77 32.83
C TYR B 145 -1.59 -4.35 33.90
N TYR B 146 -0.43 -4.87 33.51
CA TYR B 146 0.47 -5.44 34.49
C TYR B 146 1.31 -4.36 35.17
N ASN B 147 1.47 -3.22 34.49
CA ASN B 147 2.23 -2.12 35.05
C ASN B 147 1.36 -1.43 36.09
N GLN B 148 0.06 -1.71 36.02
CA GLN B 148 -0.93 -1.15 36.93
C GLN B 148 -1.11 -2.07 38.13
N VAL B 149 -1.42 -3.34 37.85
CA VAL B 149 -1.63 -4.32 38.90
C VAL B 149 -0.31 -4.64 39.60
N GLY B 150 0.73 -3.88 39.26
CA GLY B 150 2.05 -4.07 39.87
C GLY B 150 2.75 -5.40 39.61
N ARG B 151 2.04 -6.49 39.86
CA ARG B 151 2.56 -7.86 39.68
C ARG B 151 2.83 -8.20 38.22
N LYS B 152 3.38 -9.38 37.97
CA LYS B 152 3.67 -9.79 36.61
C LYS B 152 2.92 -11.05 36.16
N PRO B 153 2.91 -11.33 34.85
CA PRO B 153 2.22 -12.50 34.29
C PRO B 153 2.45 -13.82 35.02
N THR B 154 1.40 -14.64 35.04
CA THR B 154 1.46 -15.96 35.67
C THR B 154 1.39 -16.97 34.54
N MET B 155 1.31 -16.46 33.31
CA MET B 155 1.23 -17.31 32.11
C MET B 155 2.30 -16.81 31.15
N LYS B 156 2.64 -17.64 30.17
CA LYS B 156 3.63 -17.24 29.17
C LYS B 156 2.87 -16.63 27.99
N TRP B 157 3.06 -15.33 27.79
CA TRP B 157 2.41 -14.61 26.70
C TRP B 157 3.14 -14.70 25.38
N SER B 158 2.41 -14.37 24.31
CA SER B 158 2.93 -14.37 22.95
C SER B 158 1.84 -13.66 22.15
N THR B 159 2.13 -13.26 20.92
CA THR B 159 1.11 -12.56 20.14
C THR B 159 1.17 -12.74 18.63
N ILE B 160 -0.03 -12.69 18.05
CA ILE B 160 -0.22 -12.75 16.60
C ILE B 160 -0.68 -11.30 16.40
N ASP B 161 0.27 -10.44 16.10
CA ASP B 161 -0.02 -9.01 15.94
C ASP B 161 -0.48 -8.55 14.55
N ARG B 162 -0.44 -9.46 13.58
CA ARG B 162 -0.90 -9.14 12.23
C ARG B 162 -0.93 -10.38 11.33
N TRP B 163 -1.74 -10.29 10.27
CA TRP B 163 -1.93 -11.34 9.29
C TRP B 163 -2.71 -10.74 8.11
N PRO B 164 -2.10 -9.76 7.42
CA PRO B 164 -2.76 -9.11 6.29
C PRO B 164 -2.91 -9.94 5.02
N THR B 165 -2.08 -10.96 4.86
CA THR B 165 -2.15 -11.78 3.66
C THR B 165 -2.38 -13.28 3.89
N HIS B 166 -2.94 -13.65 5.05
CA HIS B 166 -3.18 -15.06 5.33
C HIS B 166 -4.09 -15.64 4.24
N HIS B 167 -3.59 -16.63 3.52
CA HIS B 167 -4.34 -17.22 2.42
C HIS B 167 -5.82 -17.48 2.63
N LEU B 168 -6.20 -17.96 3.81
CA LEU B 168 -7.61 -18.23 4.07
C LEU B 168 -8.40 -16.92 4.22
N LEU B 169 -7.76 -15.89 4.76
CA LEU B 169 -8.41 -14.59 4.90
C LEU B 169 -8.68 -14.06 3.49
N ILE B 170 -7.67 -14.14 2.64
CA ILE B 170 -7.79 -13.69 1.26
C ILE B 170 -8.85 -14.47 0.50
N GLN B 171 -8.95 -15.77 0.78
CA GLN B 171 -9.94 -16.60 0.13
C GLN B 171 -11.36 -16.19 0.54
N CYS B 172 -11.56 -15.86 1.82
CA CYS B 172 -12.88 -15.42 2.27
C CYS B 172 -13.28 -14.14 1.56
N PHE B 173 -12.34 -13.21 1.40
CA PHE B 173 -12.63 -11.95 0.72
C PHE B 173 -12.99 -12.20 -0.73
N ALA B 174 -12.20 -13.03 -1.41
CA ALA B 174 -12.46 -13.36 -2.80
C ALA B 174 -13.80 -14.07 -2.95
N ASP B 175 -14.18 -14.89 -1.98
CA ASP B 175 -15.48 -15.57 -2.05
C ASP B 175 -16.66 -14.59 -1.89
N HIS B 176 -16.57 -13.68 -0.93
CA HIS B 176 -17.64 -12.72 -0.69
C HIS B 176 -17.79 -11.71 -1.83
N ILE B 177 -16.70 -11.47 -2.56
CA ILE B 177 -16.73 -10.54 -3.68
C ILE B 177 -17.45 -11.19 -4.85
N LEU B 178 -17.05 -12.42 -5.18
CA LEU B 178 -17.67 -13.17 -6.27
C LEU B 178 -19.18 -13.25 -6.04
N LYS B 179 -19.56 -13.51 -4.80
CA LYS B 179 -20.95 -13.62 -4.40
C LYS B 179 -21.75 -12.34 -4.62
N GLU B 180 -21.13 -11.18 -4.35
CA GLU B 180 -21.86 -9.92 -4.55
C GLU B 180 -21.93 -9.60 -6.04
N LEU B 181 -20.83 -9.84 -6.75
CA LEU B 181 -20.77 -9.59 -8.18
C LEU B 181 -21.94 -10.28 -8.85
N ASP B 182 -22.30 -11.46 -8.33
CA ASP B 182 -23.41 -12.21 -8.90
C ASP B 182 -24.77 -11.59 -8.62
N HIS B 183 -24.78 -10.46 -7.92
CA HIS B 183 -26.04 -9.76 -7.64
C HIS B 183 -26.23 -8.66 -8.65
N PHE B 184 -25.21 -8.42 -9.48
CA PHE B 184 -25.26 -7.41 -10.53
C PHE B 184 -25.73 -8.09 -11.80
N PRO B 185 -26.39 -7.34 -12.70
CA PRO B 185 -26.87 -7.91 -13.95
C PRO B 185 -25.71 -8.60 -14.67
N LEU B 186 -25.94 -9.85 -15.08
CA LEU B 186 -24.91 -10.65 -15.75
C LEU B 186 -24.07 -9.87 -16.78
N GLU B 187 -24.68 -8.90 -17.44
CA GLU B 187 -24.01 -8.12 -18.48
C GLU B 187 -23.28 -6.86 -18.04
N LYS B 188 -23.43 -6.50 -16.77
CA LYS B 188 -22.77 -5.30 -16.25
C LYS B 188 -21.67 -5.69 -15.28
N ARG B 189 -21.64 -6.97 -14.96
CA ARG B 189 -20.68 -7.54 -14.02
C ARG B 189 -19.22 -7.20 -14.31
N SER B 190 -18.82 -7.24 -15.57
CA SER B 190 -17.43 -6.94 -15.93
C SER B 190 -17.11 -5.46 -15.82
N GLU B 191 -18.14 -4.63 -15.71
CA GLU B 191 -17.97 -3.19 -15.60
C GLU B 191 -17.94 -2.73 -14.13
N VAL B 192 -18.35 -3.61 -13.23
CA VAL B 192 -18.38 -3.28 -11.81
C VAL B 192 -17.00 -2.87 -11.31
N VAL B 193 -16.96 -1.77 -10.56
CA VAL B 193 -15.72 -1.26 -9.99
C VAL B 193 -15.62 -1.73 -8.55
N ILE B 194 -14.53 -2.37 -8.19
CA ILE B 194 -14.37 -2.81 -6.82
C ILE B 194 -13.67 -1.76 -6.00
N LEU B 195 -14.41 -1.16 -5.08
CA LEU B 195 -13.85 -0.16 -4.21
C LEU B 195 -13.55 -0.78 -2.87
N PHE B 196 -12.27 -1.06 -2.62
CA PHE B 196 -11.89 -1.62 -1.35
C PHE B 196 -11.87 -0.40 -0.45
N SER B 197 -12.63 -0.46 0.63
CA SER B 197 -12.75 0.66 1.54
C SER B 197 -12.21 0.32 2.92
N ALA B 198 -11.21 1.06 3.35
CA ALA B 198 -10.62 0.82 4.66
C ALA B 198 -10.74 2.11 5.45
N HIS B 199 -10.83 1.99 6.77
CA HIS B 199 -10.92 3.18 7.63
C HIS B 199 -9.64 3.99 7.46
N SER B 200 -9.80 5.29 7.19
CA SER B 200 -8.69 6.21 6.99
C SER B 200 -7.94 6.45 8.29
N LEU B 201 -6.76 7.05 8.15
CA LEU B 201 -5.90 7.39 9.28
C LEU B 201 -5.54 8.85 9.10
N PRO B 202 -5.36 9.58 10.19
CA PRO B 202 -5.00 11.00 10.12
C PRO B 202 -3.65 11.06 9.43
N MET B 203 -3.44 12.05 8.57
CA MET B 203 -2.15 12.16 7.89
C MET B 203 -0.97 12.28 8.85
N SER B 204 -1.20 12.85 10.02
CA SER B 204 -0.12 12.96 10.98
C SER B 204 0.29 11.57 11.49
N VAL B 205 -0.64 10.62 11.45
CA VAL B 205 -0.32 9.27 11.90
C VAL B 205 0.40 8.52 10.79
N VAL B 206 -0.08 8.72 9.56
CA VAL B 206 0.53 8.10 8.39
C VAL B 206 1.99 8.55 8.28
N ASN B 207 2.22 9.86 8.43
CA ASN B 207 3.57 10.43 8.31
C ASN B 207 4.53 10.06 9.43
N ARG B 208 4.02 9.59 10.57
CA ARG B 208 4.95 9.20 11.60
C ARG B 208 5.43 7.77 11.33
N GLY B 209 4.83 7.12 10.33
CA GLY B 209 5.23 5.78 9.97
C GLY B 209 4.33 4.59 10.26
N ASP B 210 3.03 4.84 10.45
CA ASP B 210 2.12 3.73 10.72
C ASP B 210 2.16 2.70 9.57
N PRO B 211 2.33 1.41 9.90
CA PRO B 211 2.39 0.39 8.84
C PRO B 211 1.01 0.09 8.22
N TYR B 212 -0.05 0.48 8.90
CA TYR B 212 -1.40 0.18 8.43
C TYR B 212 -1.68 0.29 6.92
N PRO B 213 -1.47 1.49 6.32
CA PRO B 213 -1.71 1.66 4.88
C PRO B 213 -1.04 0.67 3.94
N GLN B 214 0.22 0.35 4.23
CA GLN B 214 1.00 -0.57 3.41
C GLN B 214 0.46 -1.99 3.55
N GLU B 215 0.06 -2.35 4.77
CA GLU B 215 -0.45 -3.68 4.98
C GLU B 215 -1.84 -3.80 4.36
N VAL B 216 -2.67 -2.78 4.51
CA VAL B 216 -3.99 -2.85 3.91
C VAL B 216 -3.84 -2.98 2.39
N SER B 217 -2.82 -2.32 1.84
CA SER B 217 -2.54 -2.36 0.42
C SER B 217 -2.17 -3.79 -0.02
N ALA B 218 -1.43 -4.49 0.84
CA ALA B 218 -1.03 -5.87 0.60
C ALA B 218 -2.27 -6.76 0.53
N THR B 219 -3.18 -6.61 1.50
CA THR B 219 -4.39 -7.42 1.51
C THR B 219 -5.12 -7.29 0.19
N VAL B 220 -5.32 -6.03 -0.23
CA VAL B 220 -6.00 -5.71 -1.48
C VAL B 220 -5.37 -6.42 -2.69
N GLN B 221 -4.05 -6.43 -2.76
CA GLN B 221 -3.39 -7.04 -3.91
C GLN B 221 -3.53 -8.56 -3.89
N LYS B 222 -3.45 -9.16 -2.71
CA LYS B 222 -3.60 -10.61 -2.62
C LYS B 222 -4.99 -11.00 -3.09
N VAL B 223 -5.99 -10.22 -2.67
CA VAL B 223 -7.37 -10.51 -3.06
C VAL B 223 -7.61 -10.42 -4.56
N MET B 224 -7.14 -9.35 -5.20
CA MET B 224 -7.33 -9.18 -6.63
C MET B 224 -6.51 -10.21 -7.42
N GLU B 225 -5.39 -10.66 -6.83
CA GLU B 225 -4.52 -11.65 -7.44
C GLU B 225 -5.31 -12.95 -7.53
N ARG B 226 -5.97 -13.28 -6.41
CA ARG B 226 -6.78 -14.49 -6.30
C ARG B 226 -7.95 -14.47 -7.29
N LEU B 227 -8.58 -13.31 -7.44
CA LEU B 227 -9.72 -13.14 -8.34
C LEU B 227 -9.23 -12.90 -9.77
N GLU B 228 -7.92 -12.98 -9.98
CA GLU B 228 -7.35 -12.77 -11.30
C GLU B 228 -7.72 -11.45 -11.98
N TYR B 229 -7.77 -10.37 -11.20
CA TYR B 229 -8.08 -9.04 -11.74
C TYR B 229 -9.29 -9.07 -12.66
N CYS B 230 -10.33 -9.81 -12.27
CA CYS B 230 -11.53 -9.93 -13.10
C CYS B 230 -12.18 -8.58 -13.35
N ASN B 231 -12.05 -7.67 -12.38
CA ASN B 231 -12.61 -6.33 -12.51
C ASN B 231 -11.57 -5.29 -12.11
N PRO B 232 -11.81 -4.02 -12.48
CA PRO B 232 -10.85 -2.96 -12.13
C PRO B 232 -11.09 -2.63 -10.65
N TYR B 233 -10.11 -2.06 -9.97
CA TYR B 233 -10.32 -1.73 -8.56
C TYR B 233 -9.57 -0.51 -8.07
N ARG B 234 -9.92 -0.08 -6.86
CA ARG B 234 -9.28 1.06 -6.20
C ARG B 234 -9.37 0.83 -4.70
N LEU B 235 -8.38 1.33 -3.98
CA LEU B 235 -8.36 1.25 -2.53
C LEU B 235 -8.63 2.67 -2.07
N VAL B 236 -9.75 2.88 -1.38
CA VAL B 236 -10.11 4.20 -0.88
C VAL B 236 -10.28 4.09 0.63
N TRP B 237 -10.23 5.23 1.32
CA TRP B 237 -10.31 5.26 2.77
C TRP B 237 -11.57 5.95 3.26
N GLN B 238 -12.35 5.22 4.04
CA GLN B 238 -13.65 5.72 4.49
C GLN B 238 -13.76 6.38 5.85
N SER B 239 -14.99 6.83 6.11
CA SER B 239 -15.37 7.52 7.33
C SER B 239 -14.58 8.84 7.45
N LYS B 240 -13.42 8.81 8.07
CA LYS B 240 -12.60 10.01 8.20
C LYS B 240 -13.38 11.05 9.00
N VAL B 241 -13.01 11.23 10.26
CA VAL B 241 -13.71 12.19 11.11
C VAL B 241 -12.88 13.40 11.53
N GLY B 242 -13.44 14.60 11.34
CA GLY B 242 -12.74 15.82 11.72
C GLY B 242 -12.45 16.84 10.63
N PRO B 243 -11.63 17.86 10.96
CA PRO B 243 -11.23 18.94 10.05
C PRO B 243 -9.83 18.81 9.44
N MET B 244 -8.92 18.15 10.15
N MET B 244 -8.95 18.11 10.16
CA MET B 244 -7.57 18.01 9.61
CA MET B 244 -7.57 17.91 9.71
C MET B 244 -7.54 17.01 8.47
C MET B 244 -7.51 16.91 8.54
N PRO B 245 -6.38 16.91 7.79
CA PRO B 245 -6.23 15.99 6.66
C PRO B 245 -6.02 14.52 7.02
N TRP B 246 -6.80 13.66 6.38
CA TRP B 246 -6.71 12.21 6.55
C TRP B 246 -6.22 11.65 5.22
N LEU B 247 -5.79 10.39 5.20
CA LEU B 247 -5.24 9.76 3.98
C LEU B 247 -6.10 9.49 2.74
N GLY B 248 -5.38 9.24 1.63
CA GLY B 248 -5.89 8.90 0.32
C GLY B 248 -7.29 9.32 -0.04
N PRO B 249 -7.75 8.94 -1.24
CA PRO B 249 -9.10 9.29 -1.68
C PRO B 249 -10.16 8.85 -0.67
N GLN B 250 -11.10 9.73 -0.39
CA GLN B 250 -12.17 9.43 0.56
C GLN B 250 -13.24 8.60 -0.14
N THR B 251 -13.79 7.64 0.57
CA THR B 251 -14.81 6.78 -0.03
C THR B 251 -15.97 7.56 -0.61
N ASP B 252 -16.53 8.51 0.16
CA ASP B 252 -17.66 9.30 -0.34
C ASP B 252 -17.36 10.02 -1.65
N GLU B 253 -16.23 10.71 -1.72
CA GLU B 253 -15.83 11.43 -2.93
C GLU B 253 -15.54 10.55 -4.13
N SER B 254 -14.91 9.41 -3.89
CA SER B 254 -14.58 8.50 -4.99
C SER B 254 -15.84 7.95 -5.62
N ILE B 255 -16.82 7.62 -4.79
CA ILE B 255 -18.07 7.10 -5.32
C ILE B 255 -18.65 8.15 -6.25
N LYS B 256 -18.79 9.38 -5.76
CA LYS B 256 -19.32 10.47 -6.57
C LYS B 256 -18.39 10.68 -7.76
N GLY B 257 -17.09 10.68 -7.50
CA GLY B 257 -16.14 10.86 -8.58
C GLY B 257 -16.30 9.79 -9.64
N LEU B 258 -16.45 8.54 -9.20
CA LEU B 258 -16.61 7.44 -10.13
C LEU B 258 -17.89 7.50 -10.96
N CYS B 259 -18.97 8.00 -10.37
CA CYS B 259 -20.23 8.10 -11.09
C CYS B 259 -20.20 9.25 -12.08
N GLU B 260 -19.63 10.38 -11.65
CA GLU B 260 -19.51 11.55 -12.50
C GLU B 260 -18.67 11.22 -13.73
N ARG B 261 -17.96 10.10 -13.67
CA ARG B 261 -17.10 9.71 -14.78
C ARG B 261 -17.60 8.47 -15.51
N GLY B 262 -18.89 8.22 -15.41
CA GLY B 262 -19.51 7.10 -16.10
C GLY B 262 -19.52 5.72 -15.46
N ARG B 263 -18.93 5.57 -14.28
CA ARG B 263 -18.91 4.26 -13.64
C ARG B 263 -20.08 4.11 -12.67
N LYS B 264 -21.16 3.52 -13.17
CA LYS B 264 -22.40 3.35 -12.41
C LYS B 264 -22.59 2.11 -11.54
N ASN B 265 -21.82 1.05 -11.77
CA ASN B 265 -21.95 -0.13 -10.95
C ASN B 265 -20.73 -0.29 -10.02
N ILE B 266 -20.94 -0.01 -8.75
CA ILE B 266 -19.85 -0.06 -7.78
C ILE B 266 -20.03 -1.12 -6.70
N LEU B 267 -18.93 -1.78 -6.36
CA LEU B 267 -18.93 -2.81 -5.33
C LEU B 267 -17.95 -2.50 -4.20
N LEU B 268 -18.48 -2.08 -3.06
CA LEU B 268 -17.68 -1.74 -1.89
C LEU B 268 -17.29 -2.99 -1.12
N VAL B 269 -16.02 -3.05 -0.71
CA VAL B 269 -15.49 -4.18 0.04
C VAL B 269 -14.82 -3.74 1.34
N PRO B 270 -15.35 -4.18 2.50
CA PRO B 270 -14.79 -3.81 3.81
C PRO B 270 -13.51 -4.60 4.03
N ILE B 271 -12.40 -4.11 3.49
CA ILE B 271 -11.13 -4.82 3.55
C ILE B 271 -10.33 -4.76 4.86
N ALA B 272 -10.62 -3.81 5.76
CA ALA B 272 -9.83 -3.69 7.00
C ALA B 272 -10.56 -3.84 8.32
N PHE B 273 -11.84 -4.16 8.28
CA PHE B 273 -12.60 -4.41 9.51
C PHE B 273 -13.60 -5.54 9.22
N THR B 274 -13.37 -6.68 9.84
CA THR B 274 -14.15 -7.90 9.66
C THR B 274 -15.61 -7.99 10.16
N SER B 275 -16.12 -6.95 10.82
CA SER B 275 -17.49 -6.98 11.32
C SER B 275 -18.26 -5.78 10.78
N ASP B 276 -19.59 -5.84 10.86
CA ASP B 276 -20.43 -4.75 10.38
C ASP B 276 -20.14 -3.46 11.14
N HIS B 277 -20.11 -2.34 10.40
CA HIS B 277 -19.86 -1.05 10.99
C HIS B 277 -20.64 0.02 10.25
N ILE B 278 -20.41 1.29 10.57
CA ILE B 278 -21.15 2.38 9.93
C ILE B 278 -20.84 2.54 8.45
N GLU B 279 -21.90 2.54 7.63
CA GLU B 279 -21.76 2.67 6.19
C GLU B 279 -21.47 4.10 5.77
N THR B 280 -21.19 4.29 4.48
CA THR B 280 -20.85 5.60 3.95
C THR B 280 -22.06 6.50 3.69
N LEU B 281 -21.77 7.76 3.39
CA LEU B 281 -22.79 8.77 3.12
C LEU B 281 -23.76 8.41 2.00
N TYR B 282 -23.26 7.75 0.95
CA TYR B 282 -24.11 7.39 -0.17
C TYR B 282 -24.90 6.11 0.02
N GLU B 283 -24.67 5.43 1.15
CA GLU B 283 -25.39 4.20 1.46
C GLU B 283 -26.47 4.50 2.50
N LEU B 284 -26.25 5.55 3.28
CA LEU B 284 -27.19 5.94 4.32
C LEU B 284 -28.12 7.08 3.88
N ASP B 285 -27.56 8.28 3.74
CA ASP B 285 -28.36 9.44 3.37
C ASP B 285 -29.12 9.23 2.05
N ILE B 286 -30.43 9.42 2.11
CA ILE B 286 -31.32 9.25 0.97
C ILE B 286 -31.26 10.36 -0.07
N GLU B 287 -31.12 11.59 0.42
N GLU B 287 -31.14 11.60 0.40
CA GLU B 287 -31.06 12.76 -0.47
CA GLU B 287 -31.08 12.74 -0.51
C GLU B 287 -29.79 12.74 -1.32
C GLU B 287 -29.79 12.72 -1.35
N TYR B 288 -28.68 12.35 -0.71
CA TYR B 288 -27.41 12.29 -1.42
C TYR B 288 -27.43 11.23 -2.52
N SER B 289 -28.05 10.08 -2.23
CA SER B 289 -28.14 9.01 -3.22
C SER B 289 -29.03 9.50 -4.35
N GLN B 290 -29.96 10.39 -4.02
CA GLN B 290 -30.89 10.95 -5.01
C GLN B 290 -30.17 11.93 -5.93
N VAL B 291 -29.45 12.88 -5.33
CA VAL B 291 -28.70 13.89 -6.09
C VAL B 291 -27.73 13.19 -7.04
N LEU B 292 -27.17 12.09 -6.57
CA LEU B 292 -26.21 11.32 -7.35
C LEU B 292 -26.87 10.62 -8.54
N ALA B 293 -27.93 9.87 -8.28
CA ALA B 293 -28.64 9.14 -9.33
C ALA B 293 -29.12 10.06 -10.47
N LYS B 294 -29.40 11.31 -10.14
CA LYS B 294 -29.87 12.27 -11.13
C LYS B 294 -28.78 12.80 -12.05
N GLU B 295 -27.71 13.32 -11.45
CA GLU B 295 -26.60 13.90 -12.20
C GLU B 295 -25.58 12.89 -12.72
N CYS B 296 -25.69 11.63 -12.29
CA CYS B 296 -24.73 10.61 -12.73
C CYS B 296 -25.37 9.33 -13.29
N GLY B 297 -26.60 9.05 -12.88
CA GLY B 297 -27.27 7.85 -13.35
C GLY B 297 -26.72 6.58 -12.70
N VAL B 298 -26.35 6.70 -11.43
CA VAL B 298 -25.79 5.57 -10.68
C VAL B 298 -26.76 4.40 -10.68
N GLU B 299 -26.35 3.30 -11.30
CA GLU B 299 -27.19 2.10 -11.39
C GLU B 299 -27.26 1.32 -10.08
N ASN B 300 -26.12 0.79 -9.62
CA ASN B 300 -26.11 0.01 -8.38
C ASN B 300 -24.83 0.10 -7.54
N ILE B 301 -25.00 0.36 -6.25
CA ILE B 301 -23.89 0.43 -5.32
C ILE B 301 -24.15 -0.64 -4.27
N ARG B 302 -23.33 -1.69 -4.25
CA ARG B 302 -23.51 -2.78 -3.31
C ARG B 302 -22.30 -2.95 -2.39
N ARG B 303 -22.54 -3.45 -1.18
CA ARG B 303 -21.48 -3.68 -0.22
C ARG B 303 -21.34 -5.18 0.03
N ALA B 304 -20.13 -5.71 -0.16
CA ALA B 304 -19.89 -7.12 0.08
C ALA B 304 -20.13 -7.32 1.58
N GLU B 305 -20.60 -8.50 1.97
CA GLU B 305 -20.88 -8.71 3.38
C GLU B 305 -19.63 -9.03 4.19
N SER B 306 -19.67 -8.60 5.44
CA SER B 306 -18.57 -8.77 6.38
C SER B 306 -18.26 -10.24 6.60
N LEU B 307 -16.99 -10.54 6.86
CA LEU B 307 -16.56 -11.90 7.11
C LEU B 307 -17.46 -12.52 8.16
N ASN B 308 -17.99 -11.66 9.04
CA ASN B 308 -18.90 -12.03 10.13
C ASN B 308 -18.85 -13.47 10.61
N GLY B 309 -19.74 -14.30 10.06
CA GLY B 309 -19.80 -15.69 10.48
C GLY B 309 -19.36 -16.77 9.49
N ASN B 310 -18.60 -16.39 8.48
CA ASN B 310 -18.14 -17.36 7.48
C ASN B 310 -17.37 -18.44 8.23
N PRO B 311 -17.75 -19.71 8.03
CA PRO B 311 -17.05 -20.79 8.72
C PRO B 311 -15.60 -20.89 8.25
N LEU B 312 -15.35 -20.49 7.00
CA LEU B 312 -14.00 -20.53 6.45
C LEU B 312 -13.16 -19.49 7.17
N PHE B 313 -13.83 -18.66 7.96
CA PHE B 313 -13.11 -17.64 8.71
C PHE B 313 -12.56 -18.29 9.97
N SER B 314 -13.40 -19.06 10.66
CA SER B 314 -12.97 -19.78 11.87
C SER B 314 -11.83 -20.70 11.48
N LYS B 315 -11.90 -21.25 10.27
CA LYS B 315 -10.84 -22.12 9.78
C LYS B 315 -9.60 -21.23 9.60
N ALA B 316 -9.81 -19.97 9.27
CA ALA B 316 -8.71 -19.03 9.09
C ALA B 316 -8.11 -18.65 10.45
N LEU B 317 -8.97 -18.34 11.41
CA LEU B 317 -8.53 -17.97 12.74
C LEU B 317 -7.75 -19.13 13.37
N ALA B 318 -8.27 -20.34 13.19
CA ALA B 318 -7.65 -21.52 13.76
C ALA B 318 -6.33 -21.83 13.09
N ASP B 319 -6.26 -21.71 11.77
CA ASP B 319 -5.02 -22.00 11.09
C ASP B 319 -3.90 -21.10 11.58
N LEU B 320 -4.23 -19.85 11.85
CA LEU B 320 -3.26 -18.87 12.33
C LEU B 320 -2.69 -19.20 13.70
N VAL B 321 -3.58 -19.47 14.64
CA VAL B 321 -3.17 -19.80 15.99
C VAL B 321 -2.28 -21.06 15.96
N HIS B 322 -2.68 -22.02 15.14
CA HIS B 322 -1.94 -23.27 15.01
C HIS B 322 -0.54 -23.00 14.49
N SER B 323 -0.43 -22.32 13.37
CA SER B 323 0.87 -21.99 12.81
C SER B 323 1.67 -21.19 13.84
N HIS B 324 1.00 -20.27 14.51
CA HIS B 324 1.65 -19.44 15.53
C HIS B 324 2.29 -20.30 16.60
N ILE B 325 1.56 -21.29 17.09
CA ILE B 325 2.07 -22.16 18.14
C ILE B 325 3.20 -23.04 17.63
N GLN B 326 3.02 -23.63 16.45
CA GLN B 326 4.06 -24.48 15.87
C GLN B 326 5.35 -23.69 15.63
N SER B 327 5.21 -22.48 15.10
CA SER B 327 6.36 -21.63 14.80
C SER B 327 7.09 -21.24 16.07
N ASN B 328 6.40 -21.37 17.20
CA ASN B 328 6.97 -21.03 18.49
C ASN B 328 7.51 -19.60 18.57
N GLU B 329 6.89 -18.66 17.85
CA GLU B 329 7.33 -17.26 17.88
C GLU B 329 6.55 -16.46 18.93
N LEU B 330 7.14 -15.36 19.39
CA LEU B 330 6.49 -14.53 20.40
C LEU B 330 5.74 -13.37 19.79
N CYS B 331 6.16 -12.94 18.61
CA CYS B 331 5.51 -11.84 17.92
C CYS B 331 6.15 -11.75 16.54
N SER B 332 5.55 -10.99 15.63
CA SER B 332 6.10 -10.85 14.30
C SER B 332 7.36 -10.01 14.38
N LYS B 333 8.20 -10.11 13.34
CA LYS B 333 9.41 -9.32 13.28
C LYS B 333 9.07 -7.82 13.20
N GLN B 334 7.93 -7.49 12.57
CA GLN B 334 7.49 -6.11 12.43
C GLN B 334 7.24 -5.41 13.75
N LEU B 335 6.81 -6.17 14.76
CA LEU B 335 6.53 -5.57 16.05
C LEU B 335 7.81 -5.11 16.75
N THR B 336 8.94 -5.76 16.46
CA THR B 336 10.21 -5.37 17.09
C THR B 336 10.69 -3.99 16.62
N LEU B 337 10.01 -3.43 15.62
CA LEU B 337 10.38 -2.12 15.08
C LEU B 337 9.27 -1.09 15.28
N SER B 338 9.59 -0.02 15.99
CA SER B 338 8.64 1.06 16.27
C SER B 338 8.55 2.03 15.10
N CYS B 339 7.56 2.93 15.15
CA CYS B 339 7.40 3.95 14.11
C CYS B 339 8.69 4.79 14.10
N PRO B 340 9.19 5.14 12.92
CA PRO B 340 10.41 5.95 12.92
C PRO B 340 10.19 7.32 13.60
N LEU B 341 8.94 7.75 13.65
CA LEU B 341 8.60 9.02 14.27
C LEU B 341 7.67 8.83 15.48
N CYS B 342 7.80 7.68 16.12
CA CYS B 342 7.00 7.33 17.29
C CYS B 342 7.32 8.24 18.49
N VAL B 343 6.30 8.62 19.25
CA VAL B 343 6.49 9.48 20.43
C VAL B 343 5.67 9.00 21.63
N ASN B 344 5.42 7.70 21.69
CA ASN B 344 4.67 7.10 22.78
C ASN B 344 5.63 6.11 23.45
N PRO B 345 6.21 6.50 24.60
CA PRO B 345 7.15 5.60 25.30
C PRO B 345 6.60 4.21 25.64
N VAL B 346 5.28 4.10 25.76
CA VAL B 346 4.66 2.81 26.09
C VAL B 346 4.90 1.79 24.97
N CYS B 347 4.85 2.27 23.72
CA CYS B 347 5.06 1.43 22.53
C CYS B 347 6.25 0.47 22.76
N ARG B 348 7.42 1.06 23.03
CA ARG B 348 8.67 0.35 23.28
C ARG B 348 8.55 -0.65 24.43
N GLU B 349 7.80 -0.29 25.46
CA GLU B 349 7.60 -1.17 26.62
C GLU B 349 6.75 -2.38 26.25
N THR B 350 5.79 -2.17 25.37
CA THR B 350 4.92 -3.26 24.92
C THR B 350 5.76 -4.23 24.09
N LYS B 351 6.65 -3.67 23.27
CA LYS B 351 7.57 -4.44 22.43
C LYS B 351 8.36 -5.38 23.35
N SER B 352 9.13 -4.80 24.26
CA SER B 352 9.93 -5.57 25.23
C SER B 352 9.12 -6.64 25.94
N PHE B 353 7.96 -6.25 26.45
CA PHE B 353 7.08 -7.16 27.16
C PHE B 353 6.90 -8.49 26.43
N PHE B 354 6.54 -8.44 25.14
CA PHE B 354 6.34 -9.67 24.38
C PHE B 354 7.62 -10.37 23.93
N THR B 355 8.61 -9.62 23.44
CA THR B 355 9.87 -10.21 23.01
C THR B 355 10.71 -10.76 24.17
N SER B 356 10.36 -10.35 25.40
CA SER B 356 11.08 -10.79 26.60
C SER B 356 10.38 -11.95 27.33
N GLN B 357 9.24 -12.39 26.79
CA GLN B 357 8.47 -13.48 27.38
C GLN B 357 9.25 -14.80 27.43
N GLN B 358 9.06 -15.54 28.50
CA GLN B 358 9.73 -16.83 28.71
C GLN B 358 9.41 -17.85 27.62
N LEU B 359 10.45 -18.53 27.13
CA LEU B 359 10.35 -19.56 26.08
C LEU B 359 10.16 -19.03 24.66
#